data_3ICO
#
_entry.id   3ICO
#
_cell.length_a   57.301
_cell.length_b   68.081
_cell.length_c   73.542
_cell.angle_alpha   108.500
_cell.angle_beta   107.110
_cell.angle_gamma   104.950
#
_symmetry.space_group_name_H-M   'P 1'
#
loop_
_entity.id
_entity.type
_entity.pdbx_description
1 polymer 6-phosphogluconolactonase
2 non-polymer 'SULFATE ION'
3 water water
#
_entity_poly.entity_id   1
_entity_poly.type   'polypeptide(L)'
_entity_poly.pdbx_seq_one_letter_code
;MAHHHHHHMGTLEAQTQGPGSMSSSIEIFPDSDILVAAAGKRLVGAIGAAVAARGQALIVLTGGGNGIALLRYLSAQAQQ
IEWSKVHLFWGDERYVPEDDDERNLKQARRALLNHVDIPSNQVHPMAASDGDFGGDLDAAALAYEQVLAASAAPGDPAPN
FDVHLLGMGPEGHINSLFPHSPAVLESTRMVVAVDDSPKPPPRRITLTLPAIQRSREVWLLVSGPGKADAVAAAIGGADP
VSVPAAGAVGRQNTLWLLDRDAAAKLPS
;
_entity_poly.pdbx_strand_id   A,B,C,D
#
# COMPACT_ATOMS: atom_id res chain seq x y z
N SER A 24 11.37 17.08 -31.25
CA SER A 24 11.80 16.71 -29.86
C SER A 24 11.85 17.94 -28.92
N SER A 25 11.11 17.87 -27.81
CA SER A 25 10.85 19.04 -26.94
C SER A 25 10.79 18.68 -25.47
N ILE A 26 11.19 19.61 -24.62
CA ILE A 26 11.10 19.51 -23.16
C ILE A 26 10.24 20.67 -22.68
N GLU A 27 9.23 20.36 -21.87
CA GLU A 27 8.41 21.41 -21.29
C GLU A 27 8.37 21.18 -19.79
N ILE A 28 8.72 22.22 -19.04
CA ILE A 28 8.87 22.11 -17.59
C ILE A 28 7.79 22.90 -16.88
N PHE A 29 7.18 22.27 -15.87
CA PHE A 29 6.08 22.84 -15.10
C PHE A 29 6.42 22.80 -13.62
N PRO A 30 5.81 23.68 -12.80
CA PRO A 30 6.14 23.67 -11.37
C PRO A 30 5.88 22.32 -10.66
N ASP A 31 4.77 21.65 -11.01
CA ASP A 31 4.39 20.40 -10.37
C ASP A 31 3.62 19.49 -11.34
N SER A 32 3.30 18.28 -10.88
CA SER A 32 2.60 17.28 -11.66
C SER A 32 1.14 17.63 -12.00
N ASP A 33 0.46 18.38 -11.13
CA ASP A 33 -0.92 18.82 -11.39
C ASP A 33 -1.01 19.69 -12.66
N ILE A 34 -0.13 20.68 -12.73
CA ILE A 34 -0.04 21.62 -13.84
C ILE A 34 0.47 20.90 -15.09
N LEU A 35 1.45 20.04 -14.89
CA LEU A 35 1.93 19.16 -15.95
C LEU A 35 0.80 18.33 -16.56
N VAL A 36 0.01 17.72 -15.68
CA VAL A 36 -1.08 16.83 -16.10
C VAL A 36 -2.12 17.61 -16.88
N ALA A 37 -2.49 18.78 -16.36
CA ALA A 37 -3.52 19.58 -17.00
C ALA A 37 -3.04 20.10 -18.36
N ALA A 38 -1.74 20.34 -18.49
CA ALA A 38 -1.16 20.82 -19.74
C ALA A 38 -1.21 19.72 -20.80
N ALA A 39 -0.81 18.50 -20.40
CA ALA A 39 -0.94 17.32 -21.25
C ALA A 39 -2.39 17.09 -21.66
N GLY A 40 -3.29 17.21 -20.67
CA GLY A 40 -4.73 17.07 -20.89
C GLY A 40 -5.32 17.92 -22.01
N LYS A 41 -5.14 19.23 -21.91
CA LYS A 41 -5.61 20.15 -22.95
C LYS A 41 -4.91 19.89 -24.29
N ARG A 42 -3.64 19.50 -24.24
CA ARG A 42 -2.93 19.18 -25.47
C ARG A 42 -3.51 17.94 -26.16
N LEU A 43 -3.85 16.93 -25.36
CA LEU A 43 -4.45 15.72 -25.90
C LEU A 43 -5.84 16.01 -26.46
N VAL A 44 -6.60 16.88 -25.79
CA VAL A 44 -7.93 17.26 -26.29
C VAL A 44 -7.81 17.84 -27.71
N GLY A 45 -6.83 18.72 -27.92
CA GLY A 45 -6.59 19.31 -29.23
C GLY A 45 -6.03 18.29 -30.21
N ALA A 46 -5.13 17.42 -29.74
CA ALA A 46 -4.54 16.35 -30.56
C ALA A 46 -5.59 15.36 -31.06
N ILE A 47 -6.57 15.04 -30.21
CA ILE A 47 -7.65 14.15 -30.60
C ILE A 47 -8.54 14.81 -31.66
N GLY A 48 -8.93 16.06 -31.41
CA GLY A 48 -9.77 16.85 -32.35
C GLY A 48 -9.13 16.98 -33.72
N ALA A 49 -7.81 17.14 -33.72
CA ALA A 49 -7.03 17.28 -34.93
C ALA A 49 -7.02 15.96 -35.70
N ALA A 50 -6.81 14.86 -34.98
CA ALA A 50 -6.75 13.52 -35.60
C ALA A 50 -8.10 13.09 -36.19
N VAL A 51 -9.19 13.44 -35.51
CA VAL A 51 -10.55 13.19 -36.02
C VAL A 51 -10.82 14.00 -37.28
N ALA A 52 -10.47 15.29 -37.25
CA ALA A 52 -10.69 16.18 -38.39
C ALA A 52 -9.96 15.69 -39.64
N ALA A 53 -8.71 15.27 -39.46
CA ALA A 53 -7.89 14.75 -40.57
C ALA A 53 -8.18 13.31 -41.00
N ARG A 54 -8.64 12.46 -40.08
CA ARG A 54 -8.65 11.02 -40.32
C ARG A 54 -9.92 10.28 -39.86
N GLY A 55 -10.79 10.96 -39.12
CA GLY A 55 -12.06 10.35 -38.67
C GLY A 55 -11.91 9.38 -37.50
N GLN A 56 -10.74 9.43 -36.85
CA GLN A 56 -10.46 8.60 -35.70
C GLN A 56 -9.24 9.17 -34.98
N ALA A 57 -9.16 8.90 -33.68
CA ALA A 57 -7.97 9.24 -32.90
C ALA A 57 -7.52 7.96 -32.21
N LEU A 58 -6.26 7.58 -32.46
CA LEU A 58 -5.70 6.34 -31.96
C LEU A 58 -4.75 6.67 -30.81
N ILE A 59 -5.18 6.40 -29.58
CA ILE A 59 -4.43 6.85 -28.40
C ILE A 59 -3.96 5.64 -27.60
N VAL A 60 -2.68 5.64 -27.20
CA VAL A 60 -2.12 4.60 -26.35
C VAL A 60 -2.01 5.08 -24.91
N LEU A 61 -2.72 4.37 -24.02
CA LEU A 61 -2.79 4.75 -22.61
C LEU A 61 -1.68 4.10 -21.79
N THR A 62 -1.38 4.71 -20.66
CA THR A 62 -0.38 4.16 -19.72
C THR A 62 -0.97 4.03 -18.29
N GLY A 63 -0.28 3.32 -17.40
CA GLY A 63 -0.67 3.23 -15.99
C GLY A 63 0.13 4.33 -15.32
N GLY A 64 0.40 4.24 -14.04
CA GLY A 64 1.23 5.28 -13.43
C GLY A 64 0.40 6.50 -13.12
N GLY A 65 0.79 7.22 -12.06
CA GLY A 65 -0.01 8.29 -11.47
C GLY A 65 -0.38 9.41 -12.43
N ASN A 66 0.62 9.87 -13.19
CA ASN A 66 0.43 10.94 -14.17
C ASN A 66 -0.47 10.51 -15.34
N GLY A 67 -0.22 9.32 -15.87
CA GLY A 67 -1.08 8.73 -16.91
C GLY A 67 -2.54 8.64 -16.49
N ILE A 68 -2.78 8.14 -15.28
CA ILE A 68 -4.14 8.01 -14.74
C ILE A 68 -4.78 9.38 -14.47
N ALA A 69 -4.01 10.33 -13.94
CA ALA A 69 -4.51 11.70 -13.67
C ALA A 69 -4.91 12.44 -14.95
N LEU A 70 -4.14 12.21 -16.00
CA LEU A 70 -4.44 12.77 -17.30
C LEU A 70 -5.83 12.27 -17.78
N LEU A 71 -6.12 10.99 -17.55
CA LEU A 71 -7.44 10.43 -17.87
C LEU A 71 -8.58 11.16 -17.11
N ARG A 72 -8.33 11.49 -15.84
CA ARG A 72 -9.33 12.19 -15.01
C ARG A 72 -9.54 13.60 -15.55
N TYR A 73 -8.46 14.21 -16.02
CA TYR A 73 -8.57 15.49 -16.71
C TYR A 73 -9.50 15.37 -17.93
N LEU A 74 -9.26 14.37 -18.77
CA LEU A 74 -10.09 14.15 -19.96
C LEU A 74 -11.57 13.98 -19.60
N SER A 75 -11.82 13.28 -18.49
CA SER A 75 -13.18 13.09 -17.94
C SER A 75 -13.90 14.41 -17.67
N ALA A 76 -13.17 15.42 -17.22
CA ALA A 76 -13.76 16.73 -16.93
C ALA A 76 -14.00 17.53 -18.20
N GLN A 77 -13.38 17.11 -19.30
CA GLN A 77 -13.50 17.78 -20.61
C GLN A 77 -14.33 17.02 -21.61
N ALA A 78 -14.82 15.83 -21.20
CA ALA A 78 -15.57 14.91 -22.07
C ALA A 78 -16.41 15.56 -23.21
N GLN A 79 -16.91 16.78 -22.99
CA GLN A 79 -17.72 17.53 -23.97
C GLN A 79 -16.90 18.02 -25.18
N GLN A 80 -15.60 18.26 -24.97
CA GLN A 80 -14.70 18.67 -26.06
C GLN A 80 -14.16 17.51 -26.85
N ILE A 81 -14.46 16.29 -26.41
CA ILE A 81 -13.96 15.10 -27.05
C ILE A 81 -15.08 14.31 -27.73
N GLU A 82 -14.90 14.03 -29.01
CA GLU A 82 -15.84 13.23 -29.75
C GLU A 82 -15.46 11.78 -29.53
N TRP A 83 -15.95 11.21 -28.42
CA TRP A 83 -15.59 9.85 -28.00
C TRP A 83 -15.93 8.76 -29.01
N SER A 84 -17.02 8.95 -29.76
CA SER A 84 -17.37 7.98 -30.81
C SER A 84 -16.23 7.73 -31.78
N LYS A 85 -15.27 8.65 -31.83
CA LYS A 85 -14.17 8.59 -32.81
C LYS A 85 -12.81 8.30 -32.17
N VAL A 86 -12.81 7.94 -30.88
CA VAL A 86 -11.57 7.66 -30.15
C VAL A 86 -11.40 6.16 -30.04
N HIS A 87 -10.16 5.70 -30.23
CA HIS A 87 -9.81 4.30 -30.18
C HIS A 87 -8.65 4.15 -29.21
N LEU A 88 -8.76 3.22 -28.25
CA LEU A 88 -7.80 3.12 -27.15
C LEU A 88 -7.04 1.81 -27.10
N PHE A 89 -5.73 1.93 -26.97
CA PHE A 89 -4.83 0.82 -26.76
C PHE A 89 -4.07 1.08 -25.46
N TRP A 90 -3.27 0.08 -25.02
CA TRP A 90 -2.42 0.19 -23.83
C TRP A 90 -0.96 -0.11 -24.18
N GLY A 91 -0.06 0.66 -23.57
CA GLY A 91 1.37 0.49 -23.77
C GLY A 91 1.90 -0.73 -23.03
N ASP A 92 1.31 -0.99 -21.87
CA ASP A 92 1.60 -2.21 -21.16
C ASP A 92 0.43 -2.51 -20.24
N GLU A 93 0.47 -3.69 -19.65
CA GLU A 93 -0.55 -4.10 -18.71
C GLU A 93 0.07 -5.11 -17.74
N ARG A 94 -0.41 -5.10 -16.50
CA ARG A 94 0.03 -6.06 -15.49
C ARG A 94 -0.78 -7.33 -15.69
N TYR A 95 -0.09 -8.46 -15.69
CA TYR A 95 -0.75 -9.74 -15.89
C TYR A 95 -1.17 -10.34 -14.54
N VAL A 96 -2.28 -9.81 -14.05
CA VAL A 96 -2.87 -10.16 -12.76
C VAL A 96 -4.37 -10.25 -13.02
N PRO A 97 -5.16 -10.71 -12.03
CA PRO A 97 -6.60 -10.92 -12.35
C PRO A 97 -7.33 -9.65 -12.80
N GLU A 98 -8.32 -9.83 -13.66
CA GLU A 98 -9.10 -8.74 -14.26
C GLU A 98 -9.59 -7.69 -13.26
N ASP A 99 -10.08 -8.11 -12.09
CA ASP A 99 -10.63 -7.11 -11.16
C ASP A 99 -9.60 -6.55 -10.17
N ASP A 100 -8.32 -6.85 -10.39
CA ASP A 100 -7.27 -6.38 -9.49
C ASP A 100 -6.98 -4.88 -9.71
N ASP A 101 -6.73 -4.17 -8.62
CA ASP A 101 -6.39 -2.74 -8.65
C ASP A 101 -5.11 -2.41 -9.43
N GLU A 102 -4.23 -3.40 -9.58
CA GLU A 102 -2.97 -3.20 -10.34
C GLU A 102 -3.19 -3.25 -11.86
N ARG A 103 -4.40 -3.60 -12.28
CA ARG A 103 -4.72 -3.61 -13.69
C ARG A 103 -4.76 -2.17 -14.21
N ASN A 104 -3.95 -1.91 -15.23
CA ASN A 104 -3.99 -0.64 -15.96
C ASN A 104 -5.40 -0.35 -16.54
N LEU A 105 -6.07 -1.40 -17.04
CA LEU A 105 -7.44 -1.31 -17.55
C LEU A 105 -8.43 -0.86 -16.49
N LYS A 106 -8.42 -1.53 -15.33
CA LYS A 106 -9.30 -1.16 -14.22
C LYS A 106 -9.09 0.29 -13.78
N GLN A 107 -7.83 0.70 -13.61
N GLN A 107 -7.83 0.68 -13.61
CA GLN A 107 -7.54 2.09 -13.25
CA GLN A 107 -7.48 2.07 -13.25
C GLN A 107 -8.05 3.07 -14.30
C GLN A 107 -8.02 3.06 -14.29
N ALA A 108 -7.92 2.70 -15.59
CA ALA A 108 -8.47 3.51 -16.69
C ALA A 108 -10.01 3.54 -16.65
N ARG A 109 -10.62 2.42 -16.28
CA ARG A 109 -12.07 2.35 -16.14
C ARG A 109 -12.57 3.33 -15.07
N ARG A 110 -11.90 3.36 -13.92
CA ARG A 110 -12.26 4.28 -12.83
C ARG A 110 -11.97 5.74 -13.17
N ALA A 111 -10.85 5.99 -13.85
CA ALA A 111 -10.45 7.34 -14.22
C ALA A 111 -11.27 7.96 -15.38
N LEU A 112 -11.77 7.10 -16.28
CA LEU A 112 -12.34 7.56 -17.56
C LEU A 112 -13.47 6.67 -18.09
N LEU A 113 -13.13 5.43 -18.43
CA LEU A 113 -13.96 4.59 -19.30
C LEU A 113 -15.36 4.33 -18.80
N ASN A 114 -15.51 4.09 -17.50
CA ASN A 114 -16.83 3.88 -16.91
C ASN A 114 -17.79 5.07 -17.02
N HIS A 115 -17.28 6.24 -17.39
CA HIS A 115 -18.13 7.42 -17.42
C HIS A 115 -18.02 8.30 -18.68
N VAL A 116 -17.54 7.72 -19.77
CA VAL A 116 -17.62 8.36 -21.09
C VAL A 116 -18.21 7.43 -22.15
N ASP A 117 -18.77 8.00 -23.21
CA ASP A 117 -19.47 7.23 -24.23
C ASP A 117 -18.58 6.74 -25.38
N ILE A 118 -17.50 6.02 -25.04
CA ILE A 118 -16.66 5.39 -26.06
C ILE A 118 -17.23 4.00 -26.38
N PRO A 119 -17.38 3.66 -27.67
CA PRO A 119 -17.88 2.31 -28.00
C PRO A 119 -16.89 1.25 -27.54
N SER A 120 -17.39 0.21 -26.88
CA SER A 120 -16.51 -0.81 -26.29
C SER A 120 -15.69 -1.57 -27.34
N ASN A 121 -16.20 -1.62 -28.58
CA ASN A 121 -15.44 -2.27 -29.65
C ASN A 121 -14.26 -1.42 -30.17
N GLN A 122 -14.13 -0.22 -29.61
CA GLN A 122 -13.00 0.70 -29.90
C GLN A 122 -12.01 0.84 -28.74
N VAL A 123 -12.24 0.04 -27.69
CA VAL A 123 -11.36 -0.05 -26.52
C VAL A 123 -10.69 -1.42 -26.53
N HIS A 124 -9.36 -1.42 -26.57
CA HIS A 124 -8.60 -2.65 -26.81
C HIS A 124 -7.63 -2.95 -25.66
N PRO A 125 -8.12 -3.67 -24.61
CA PRO A 125 -7.24 -3.98 -23.48
C PRO A 125 -6.35 -5.21 -23.69
N MET A 126 -5.29 -5.32 -22.90
CA MET A 126 -4.47 -6.51 -22.91
C MET A 126 -5.07 -7.55 -21.98
N ALA A 127 -4.62 -8.81 -22.09
CA ALA A 127 -5.24 -9.88 -21.32
C ALA A 127 -4.92 -9.79 -19.84
N ALA A 128 -5.78 -10.40 -19.03
CA ALA A 128 -5.57 -10.55 -17.59
C ALA A 128 -5.13 -11.97 -17.30
N SER A 129 -4.54 -12.19 -16.13
CA SER A 129 -3.96 -13.49 -15.79
C SER A 129 -5.02 -14.58 -15.63
N ASP A 130 -6.26 -14.18 -15.36
CA ASP A 130 -7.35 -15.14 -15.25
C ASP A 130 -8.22 -15.17 -16.51
N GLY A 131 -7.67 -14.67 -17.62
CA GLY A 131 -8.34 -14.75 -18.91
C GLY A 131 -8.02 -16.03 -19.67
N ASP A 132 -7.98 -15.96 -20.99
CA ASP A 132 -7.91 -17.16 -21.83
C ASP A 132 -6.60 -17.96 -21.78
N PHE A 133 -5.49 -17.30 -21.50
CA PHE A 133 -4.18 -17.86 -21.79
C PHE A 133 -3.38 -18.47 -20.63
N GLY A 134 -3.90 -18.39 -19.40
CA GLY A 134 -3.21 -18.98 -18.24
C GLY A 134 -1.75 -18.59 -18.09
N GLY A 135 -0.88 -19.59 -17.92
CA GLY A 135 0.57 -19.38 -17.84
C GLY A 135 1.25 -19.09 -19.16
N ASP A 136 0.49 -19.19 -20.24
CA ASP A 136 1.07 -18.94 -21.56
C ASP A 136 1.01 -17.44 -21.84
N LEU A 137 1.93 -16.71 -21.23
CA LEU A 137 1.99 -15.27 -21.32
C LEU A 137 2.36 -14.82 -22.73
N ASP A 138 3.23 -15.58 -23.39
CA ASP A 138 3.61 -15.33 -24.78
C ASP A 138 2.38 -15.32 -25.70
N ALA A 139 1.51 -16.33 -25.54
CA ALA A 139 0.24 -16.38 -26.30
C ALA A 139 -0.60 -15.15 -26.07
N ALA A 140 -0.63 -14.63 -24.84
CA ALA A 140 -1.42 -13.45 -24.54
C ALA A 140 -0.87 -12.22 -25.26
N ALA A 141 0.46 -12.08 -25.31
CA ALA A 141 1.10 -10.99 -26.04
C ALA A 141 0.84 -11.11 -27.54
N LEU A 142 0.91 -12.33 -28.05
N LEU A 142 0.93 -12.33 -28.06
CA LEU A 142 0.67 -12.59 -29.47
CA LEU A 142 0.67 -12.57 -29.49
C LEU A 142 -0.77 -12.30 -29.84
C LEU A 142 -0.79 -12.27 -29.85
N ALA A 143 -1.69 -12.59 -28.94
CA ALA A 143 -3.11 -12.27 -29.14
C ALA A 143 -3.29 -10.77 -29.30
N TYR A 144 -2.64 -9.99 -28.45
CA TYR A 144 -2.74 -8.53 -28.51
C TYR A 144 -2.10 -7.98 -29.78
N GLU A 145 -0.98 -8.55 -30.17
CA GLU A 145 -0.35 -8.26 -31.44
C GLU A 145 -1.29 -8.45 -32.65
N GLN A 146 -2.06 -9.54 -32.65
N GLN A 146 -2.06 -9.53 -32.65
CA GLN A 146 -3.05 -9.78 -33.70
CA GLN A 146 -3.04 -9.76 -33.72
C GLN A 146 -4.11 -8.68 -33.71
C GLN A 146 -4.16 -8.71 -33.71
N VAL A 147 -4.51 -8.22 -32.53
CA VAL A 147 -5.44 -7.08 -32.39
C VAL A 147 -4.86 -5.78 -33.00
N LEU A 148 -3.58 -5.50 -32.74
CA LEU A 148 -2.92 -4.31 -33.30
C LEU A 148 -2.85 -4.38 -34.83
N ALA A 149 -2.51 -5.56 -35.35
CA ALA A 149 -2.43 -5.77 -36.79
C ALA A 149 -3.78 -5.52 -37.44
N ALA A 150 -4.83 -6.06 -36.81
CA ALA A 150 -6.21 -5.82 -37.28
C ALA A 150 -6.64 -4.36 -37.21
N SER A 151 -6.09 -3.62 -36.25
CA SER A 151 -6.45 -2.22 -36.07
C SER A 151 -5.67 -1.31 -37.01
N ALA A 152 -4.62 -1.84 -37.60
CA ALA A 152 -3.72 -1.03 -38.39
C ALA A 152 -4.33 -0.70 -39.76
N ALA A 153 -3.87 0.40 -40.36
CA ALA A 153 -4.06 0.63 -41.79
C ALA A 153 -3.50 -0.59 -42.56
N PRO A 154 -4.07 -0.89 -43.75
CA PRO A 154 -3.61 -2.04 -44.55
C PRO A 154 -2.08 -2.10 -44.69
N GLY A 155 -1.50 -3.26 -44.41
CA GLY A 155 -0.06 -3.48 -44.59
C GLY A 155 0.87 -3.05 -43.46
N ASP A 156 0.30 -2.46 -42.41
CA ASP A 156 1.07 -2.01 -41.22
C ASP A 156 0.96 -3.01 -40.07
N PRO A 157 2.06 -3.21 -39.31
CA PRO A 157 2.00 -4.16 -38.20
C PRO A 157 1.11 -3.66 -37.05
N ALA A 158 0.84 -2.36 -37.01
CA ALA A 158 0.08 -1.76 -35.91
C ALA A 158 -0.42 -0.38 -36.29
N PRO A 159 -1.33 0.21 -35.49
CA PRO A 159 -1.73 1.57 -35.82
C PRO A 159 -0.57 2.57 -35.75
N ASN A 160 -0.66 3.60 -36.57
CA ASN A 160 0.22 4.75 -36.47
C ASN A 160 -0.42 5.66 -35.43
N PHE A 161 -0.17 5.32 -34.18
CA PHE A 161 -0.82 5.94 -33.04
C PHE A 161 -0.62 7.45 -33.06
N ASP A 162 -1.72 8.17 -32.93
CA ASP A 162 -1.62 9.60 -32.89
C ASP A 162 -0.78 10.06 -31.70
N VAL A 163 -1.08 9.51 -30.52
CA VAL A 163 -0.29 9.79 -29.30
C VAL A 163 -0.09 8.50 -28.50
N HIS A 164 1.16 8.20 -28.18
CA HIS A 164 1.47 7.18 -27.16
C HIS A 164 1.85 7.92 -25.87
N LEU A 165 1.03 7.76 -24.84
CA LEU A 165 1.38 8.31 -23.53
C LEU A 165 2.35 7.40 -22.81
N LEU A 166 3.26 7.99 -22.04
CA LEU A 166 4.18 7.21 -21.21
C LEU A 166 4.42 7.84 -19.86
N GLY A 167 4.61 6.99 -18.86
CA GLY A 167 5.34 7.36 -17.65
C GLY A 167 6.76 6.84 -17.80
N MET A 168 7.63 7.14 -16.85
CA MET A 168 8.96 6.54 -16.80
C MET A 168 9.34 6.26 -15.34
N GLY A 169 9.87 5.08 -15.08
CA GLY A 169 10.33 4.72 -13.73
C GLY A 169 11.68 5.36 -13.41
N PRO A 170 12.12 5.28 -12.13
CA PRO A 170 13.41 5.85 -11.72
C PRO A 170 14.63 5.30 -12.48
N GLU A 171 14.52 4.10 -13.04
CA GLU A 171 15.61 3.53 -13.86
C GLU A 171 15.43 3.79 -15.36
N GLY A 172 14.43 4.57 -15.74
CA GLY A 172 14.19 4.87 -17.15
C GLY A 172 13.27 3.92 -17.93
N HIS A 173 12.70 2.93 -17.24
CA HIS A 173 11.76 2.00 -17.90
C HIS A 173 10.49 2.71 -18.39
N ILE A 174 9.98 2.26 -19.54
CA ILE A 174 8.70 2.73 -20.06
C ILE A 174 7.93 1.49 -20.47
N ASN A 175 6.59 1.61 -20.54
CA ASN A 175 5.73 0.44 -20.69
C ASN A 175 6.24 -0.59 -19.69
N SER A 176 6.50 -1.83 -20.11
CA SER A 176 7.17 -2.76 -19.20
C SER A 176 8.51 -3.17 -19.79
N LEU A 177 9.19 -2.19 -20.36
CA LEU A 177 10.49 -2.36 -21.01
C LEU A 177 11.59 -1.90 -20.04
N PHE A 178 12.25 -2.86 -19.39
CA PHE A 178 13.24 -2.57 -18.36
C PHE A 178 14.66 -2.62 -18.90
N PRO A 179 15.60 -1.90 -18.24
CA PRO A 179 17.01 -1.94 -18.67
C PRO A 179 17.53 -3.37 -18.77
N HIS A 180 18.23 -3.67 -19.87
CA HIS A 180 18.97 -4.94 -20.04
C HIS A 180 18.05 -6.17 -20.01
N SER A 181 16.84 -6.00 -20.55
CA SER A 181 15.83 -7.05 -20.57
C SER A 181 15.67 -7.59 -21.99
N PRO A 182 15.16 -8.82 -22.12
CA PRO A 182 14.88 -9.30 -23.46
C PRO A 182 13.85 -8.42 -24.18
N ALA A 183 12.90 -7.84 -23.42
CA ALA A 183 11.82 -7.03 -23.99
C ALA A 183 12.34 -5.77 -24.67
N VAL A 184 13.34 -5.11 -24.08
CA VAL A 184 13.87 -3.88 -24.69
C VAL A 184 14.79 -4.14 -25.90
N LEU A 185 15.23 -5.39 -26.07
CA LEU A 185 16.09 -5.75 -27.21
C LEU A 185 15.26 -6.11 -28.45
N GLU A 186 13.97 -6.32 -28.24
CA GLU A 186 13.07 -6.77 -29.31
C GLU A 186 12.97 -5.72 -30.41
N SER A 187 13.26 -6.15 -31.64
CA SER A 187 13.24 -5.23 -32.78
C SER A 187 12.23 -5.57 -33.88
N THR A 188 11.45 -6.64 -33.69
CA THR A 188 10.44 -7.05 -34.69
C THR A 188 8.99 -7.05 -34.17
N ARG A 189 8.72 -7.86 -33.15
CA ARG A 189 7.40 -7.93 -32.49
C ARG A 189 6.90 -6.57 -32.02
N MET A 190 5.59 -6.35 -32.15
CA MET A 190 4.92 -5.17 -31.60
C MET A 190 4.63 -5.27 -30.09
N VAL A 191 4.46 -6.50 -29.61
CA VAL A 191 4.04 -6.84 -28.26
C VAL A 191 4.82 -8.06 -27.82
N VAL A 192 5.30 -8.06 -26.56
CA VAL A 192 5.97 -9.24 -26.00
C VAL A 192 5.59 -9.52 -24.54
N ALA A 193 5.85 -10.75 -24.10
CA ALA A 193 5.70 -11.12 -22.71
C ALA A 193 6.86 -10.60 -21.85
N VAL A 194 6.56 -10.15 -20.64
CA VAL A 194 7.58 -9.82 -19.64
C VAL A 194 7.38 -10.73 -18.43
N ASP A 195 8.26 -11.72 -18.29
CA ASP A 195 8.15 -12.78 -17.28
C ASP A 195 8.73 -12.36 -15.93
N ASP A 196 9.54 -11.31 -15.94
CA ASP A 196 10.62 -11.15 -14.95
C ASP A 196 10.82 -9.72 -14.45
N SER A 197 9.77 -8.90 -14.49
CA SER A 197 9.93 -7.51 -14.07
C SER A 197 10.57 -7.44 -12.68
N PRO A 198 11.58 -6.57 -12.49
CA PRO A 198 12.22 -6.40 -11.17
C PRO A 198 11.33 -5.57 -10.24
N LYS A 199 10.26 -5.03 -10.80
CA LYS A 199 9.24 -4.35 -10.01
C LYS A 199 7.93 -5.15 -10.07
N PRO A 200 7.33 -5.44 -8.91
CA PRO A 200 6.07 -6.21 -8.85
C PRO A 200 4.92 -5.41 -9.47
N PRO A 201 3.91 -6.11 -10.03
CA PRO A 201 3.86 -7.57 -10.21
C PRO A 201 4.82 -8.05 -11.31
N PRO A 202 5.33 -9.28 -11.20
CA PRO A 202 6.43 -9.77 -12.05
C PRO A 202 6.07 -9.96 -13.53
N ARG A 203 4.81 -10.24 -13.82
CA ARG A 203 4.40 -10.54 -15.19
C ARG A 203 3.57 -9.45 -15.81
N ARG A 204 4.00 -9.02 -16.99
CA ARG A 204 3.31 -7.96 -17.71
C ARG A 204 3.31 -8.30 -19.19
N ILE A 205 2.46 -7.59 -19.93
CA ILE A 205 2.45 -7.61 -21.39
C ILE A 205 2.78 -6.20 -21.84
N THR A 206 3.64 -6.07 -22.84
CA THR A 206 4.13 -4.74 -23.20
C THR A 206 4.25 -4.46 -24.70
N LEU A 207 4.00 -3.22 -25.09
CA LEU A 207 4.43 -2.81 -26.42
C LEU A 207 5.96 -2.62 -26.41
N THR A 208 6.58 -2.85 -27.56
CA THR A 208 8.03 -2.84 -27.71
C THR A 208 8.47 -1.48 -28.27
N LEU A 209 9.78 -1.23 -28.35
CA LEU A 209 10.24 0.05 -28.91
C LEU A 209 9.76 0.28 -30.35
N PRO A 210 9.86 -0.74 -31.23
CA PRO A 210 9.34 -0.57 -32.59
C PRO A 210 7.88 -0.09 -32.58
N ALA A 211 7.04 -0.66 -31.68
CA ALA A 211 5.63 -0.25 -31.57
C ALA A 211 5.51 1.18 -31.12
N ILE A 212 6.32 1.56 -30.14
CA ILE A 212 6.27 2.93 -29.64
C ILE A 212 6.68 3.88 -30.76
N GLN A 213 7.69 3.47 -31.52
CA GLN A 213 8.27 4.29 -32.58
C GLN A 213 7.39 4.45 -33.85
N ARG A 214 6.28 3.72 -33.91
CA ARG A 214 5.27 3.95 -34.95
C ARG A 214 4.40 5.17 -34.66
N SER A 215 4.37 5.60 -33.40
CA SER A 215 3.49 6.69 -33.01
C SER A 215 3.92 7.99 -33.67
N ARG A 216 2.94 8.77 -34.11
CA ARG A 216 3.20 10.11 -34.59
C ARG A 216 3.87 10.93 -33.48
N GLU A 217 3.28 10.89 -32.29
CA GLU A 217 3.81 11.55 -31.12
C GLU A 217 3.91 10.61 -29.94
N VAL A 218 4.97 10.79 -29.16
CA VAL A 218 5.17 10.08 -27.91
C VAL A 218 5.35 11.12 -26.81
N TRP A 219 4.54 11.06 -25.75
CA TRP A 219 4.65 12.01 -24.67
C TRP A 219 5.00 11.27 -23.39
N LEU A 220 6.03 11.75 -22.72
CA LEU A 220 6.47 11.20 -21.45
C LEU A 220 6.06 12.18 -20.36
N LEU A 221 5.31 11.70 -19.37
CA LEU A 221 4.85 12.57 -18.26
C LEU A 221 5.61 12.15 -17.02
N VAL A 222 6.60 12.95 -16.66
CA VAL A 222 7.63 12.53 -15.70
C VAL A 222 7.82 13.57 -14.62
N SER A 223 7.58 13.19 -13.37
CA SER A 223 7.69 14.13 -12.27
C SER A 223 8.37 13.50 -11.05
N GLY A 224 9.08 14.31 -10.29
CA GLY A 224 9.71 13.85 -9.05
C GLY A 224 11.23 13.76 -9.10
N PRO A 225 11.88 14.01 -7.95
CA PRO A 225 13.35 14.03 -7.88
C PRO A 225 14.00 12.68 -8.14
N GLY A 226 13.24 11.59 -7.91
CA GLY A 226 13.70 10.24 -8.19
C GLY A 226 13.85 9.88 -9.66
N LYS A 227 13.21 10.64 -10.53
CA LYS A 227 13.28 10.40 -11.96
C LYS A 227 14.31 11.29 -12.67
N ALA A 228 14.88 12.26 -11.93
CA ALA A 228 15.73 13.29 -12.55
C ALA A 228 16.99 12.76 -13.24
N ASP A 229 17.67 11.81 -12.60
CA ASP A 229 18.90 11.27 -13.17
C ASP A 229 18.62 10.49 -14.45
N ALA A 230 17.59 9.64 -14.41
CA ALA A 230 17.15 8.89 -15.58
C ALA A 230 16.71 9.78 -16.76
N VAL A 231 15.93 10.83 -16.46
CA VAL A 231 15.53 11.84 -17.45
C VAL A 231 16.77 12.42 -18.16
N ALA A 232 17.75 12.88 -17.39
CA ALA A 232 18.96 13.49 -17.94
C ALA A 232 19.77 12.53 -18.83
N ALA A 233 19.95 11.28 -18.37
CA ALA A 233 20.61 10.25 -19.16
C ALA A 233 19.83 9.93 -20.46
N ALA A 234 18.51 9.95 -20.38
CA ALA A 234 17.68 9.60 -21.53
C ALA A 234 17.74 10.68 -22.61
N ILE A 235 17.69 11.93 -22.15
CA ILE A 235 17.77 13.10 -23.03
C ILE A 235 19.22 13.32 -23.53
N GLY A 236 20.20 12.87 -22.74
CA GLY A 236 21.61 12.95 -23.09
C GLY A 236 22.07 11.91 -24.12
N GLY A 237 21.14 11.05 -24.54
CA GLY A 237 21.39 10.10 -25.61
C GLY A 237 21.86 8.71 -25.22
N ALA A 238 21.59 8.31 -23.97
CA ALA A 238 21.90 6.95 -23.51
C ALA A 238 21.36 5.84 -24.42
N ASP A 239 22.06 4.71 -24.43
CA ASP A 239 21.62 3.49 -25.10
C ASP A 239 20.29 3.02 -24.48
N PRO A 240 19.21 2.84 -25.30
CA PRO A 240 17.93 2.37 -24.72
C PRO A 240 18.01 1.04 -23.98
N VAL A 241 19.01 0.21 -24.25
CA VAL A 241 19.15 -1.04 -23.50
C VAL A 241 19.53 -0.72 -22.06
N SER A 242 20.17 0.44 -21.88
CA SER A 242 20.53 0.89 -20.55
C SER A 242 19.47 1.83 -19.95
N VAL A 243 18.98 2.77 -20.77
CA VAL A 243 17.89 3.67 -20.37
C VAL A 243 16.74 3.59 -21.40
N PRO A 244 15.77 2.68 -21.18
CA PRO A 244 14.75 2.44 -22.20
C PRO A 244 14.06 3.69 -22.74
N ALA A 245 13.70 4.64 -21.87
CA ALA A 245 13.06 5.88 -22.29
C ALA A 245 13.77 6.60 -23.44
N ALA A 246 15.07 6.33 -23.62
CA ALA A 246 15.83 6.89 -24.74
C ALA A 246 15.34 6.44 -26.11
N GLY A 247 14.72 5.25 -26.17
CA GLY A 247 14.16 4.73 -27.43
C GLY A 247 12.71 5.12 -27.66
N ALA A 248 12.15 5.91 -26.74
CA ALA A 248 10.73 6.28 -26.79
C ALA A 248 10.57 7.53 -27.64
N VAL A 249 10.60 7.36 -28.95
CA VAL A 249 10.77 8.47 -29.87
C VAL A 249 9.67 8.39 -30.91
N GLY A 250 8.93 9.48 -31.07
CA GLY A 250 7.79 9.53 -31.97
C GLY A 250 8.26 9.93 -33.36
N ARG A 251 7.51 9.52 -34.38
CA ARG A 251 7.89 9.78 -35.78
C ARG A 251 7.89 11.28 -36.09
N GLN A 252 6.94 12.01 -35.53
CA GLN A 252 6.84 13.46 -35.77
C GLN A 252 7.34 14.29 -34.57
N ASN A 253 6.98 13.88 -33.35
CA ASN A 253 7.65 14.44 -32.17
C ASN A 253 7.66 13.62 -30.88
N THR A 254 8.51 14.09 -29.97
CA THR A 254 8.76 13.47 -28.70
C THR A 254 8.71 14.61 -27.71
N LEU A 255 7.84 14.44 -26.73
CA LEU A 255 7.51 15.49 -25.81
C LEU A 255 7.76 14.98 -24.38
N TRP A 256 8.78 15.54 -23.75
CA TRP A 256 9.05 15.31 -22.33
C TRP A 256 8.29 16.36 -21.53
N LEU A 257 7.27 15.94 -20.79
CA LEU A 257 6.54 16.84 -19.92
C LEU A 257 6.97 16.57 -18.49
N LEU A 258 7.62 17.57 -17.91
CA LEU A 258 8.40 17.40 -16.67
C LEU A 258 7.94 18.35 -15.60
N ASP A 259 7.98 17.94 -14.34
CA ASP A 259 7.96 18.95 -13.28
C ASP A 259 9.39 19.45 -13.00
N ARG A 260 9.49 20.49 -12.19
CA ARG A 260 10.79 21.05 -11.85
C ARG A 260 11.76 20.00 -11.29
N ASP A 261 11.31 19.20 -10.32
CA ASP A 261 12.15 18.18 -9.68
C ASP A 261 12.70 17.16 -10.68
N ALA A 262 11.86 16.70 -11.60
CA ALA A 262 12.29 15.75 -12.64
C ALA A 262 13.28 16.37 -13.63
N ALA A 263 13.29 17.70 -13.71
CA ALA A 263 14.19 18.42 -14.63
C ALA A 263 15.55 18.82 -14.03
N ALA A 264 15.72 18.63 -12.72
CA ALA A 264 16.85 19.20 -11.97
C ALA A 264 18.27 18.75 -12.36
N LYS A 265 18.39 17.71 -13.19
CA LYS A 265 19.70 17.16 -13.55
C LYS A 265 20.06 17.40 -15.01
N LEU A 266 19.20 18.14 -15.70
CA LEU A 266 19.44 18.56 -17.08
C LEU A 266 20.48 19.70 -17.14
N PRO A 267 21.28 19.74 -18.22
CA PRO A 267 22.39 20.69 -18.30
C PRO A 267 21.96 22.08 -18.75
N SER B 24 -22.91 -0.17 5.90
CA SER B 24 -23.70 0.13 4.67
C SER B 24 -25.14 -0.36 4.73
N SER B 25 -26.07 0.57 4.96
CA SER B 25 -27.49 0.22 5.05
C SER B 25 -28.48 1.29 4.57
N ILE B 26 -29.68 0.83 4.29
CA ILE B 26 -30.82 1.61 3.84
C ILE B 26 -31.94 1.50 4.87
N GLU B 27 -32.48 2.65 5.28
CA GLU B 27 -33.67 2.68 6.09
C GLU B 27 -34.72 3.56 5.42
N ILE B 28 -35.92 3.01 5.22
CA ILE B 28 -37.02 3.67 4.49
C ILE B 28 -38.17 4.05 5.45
N PHE B 29 -38.64 5.29 5.32
CA PHE B 29 -39.70 5.81 6.16
C PHE B 29 -40.84 6.28 5.29
N PRO B 30 -42.06 6.40 5.86
CA PRO B 30 -43.19 6.80 4.99
C PRO B 30 -43.01 8.17 4.33
N ASP B 31 -42.38 9.11 5.03
CA ASP B 31 -42.19 10.46 4.52
C ASP B 31 -40.93 11.13 5.10
N SER B 32 -40.63 12.32 4.60
CA SER B 32 -39.41 13.03 4.99
C SER B 32 -39.46 13.55 6.43
N ASP B 33 -40.65 13.75 6.97
CA ASP B 33 -40.77 14.19 8.38
C ASP B 33 -40.30 13.09 9.33
N ILE B 34 -40.78 11.87 9.09
CA ILE B 34 -40.41 10.73 9.91
C ILE B 34 -38.92 10.43 9.72
N LEU B 35 -38.45 10.53 8.48
CA LEU B 35 -37.04 10.41 8.14
C LEU B 35 -36.15 11.34 9.00
N VAL B 36 -36.41 12.64 8.92
CA VAL B 36 -35.62 13.65 9.64
C VAL B 36 -35.64 13.42 11.15
N ALA B 37 -36.82 13.07 11.68
CA ALA B 37 -36.97 12.82 13.10
C ALA B 37 -36.10 11.65 13.54
N ALA B 38 -36.07 10.59 12.73
CA ALA B 38 -35.24 9.43 13.03
C ALA B 38 -33.74 9.76 12.99
N ALA B 39 -33.35 10.55 11.99
CA ALA B 39 -31.95 10.96 11.87
C ALA B 39 -31.60 11.86 13.05
N GLY B 40 -32.58 12.65 13.50
CA GLY B 40 -32.40 13.52 14.65
C GLY B 40 -32.06 12.77 15.93
N LYS B 41 -32.91 11.83 16.30
CA LYS B 41 -32.71 11.00 17.47
C LYS B 41 -31.36 10.28 17.40
N ARG B 42 -31.08 9.72 16.23
CA ARG B 42 -29.84 9.02 15.97
C ARG B 42 -28.60 9.93 16.02
N LEU B 43 -28.71 11.15 15.51
CA LEU B 43 -27.61 12.11 15.64
C LEU B 43 -27.36 12.52 17.11
N VAL B 44 -28.43 12.76 17.88
CA VAL B 44 -28.30 13.07 19.32
C VAL B 44 -27.47 11.97 19.97
N GLY B 45 -27.76 10.72 19.60
CA GLY B 45 -27.03 9.56 20.08
C GLY B 45 -25.60 9.48 19.59
N ALA B 46 -25.39 9.79 18.31
CA ALA B 46 -24.06 9.72 17.72
C ALA B 46 -23.13 10.81 18.32
N ILE B 47 -23.68 12.00 18.51
CA ILE B 47 -22.96 13.08 19.20
C ILE B 47 -22.51 12.64 20.60
N GLY B 48 -23.45 12.08 21.37
CA GLY B 48 -23.18 11.60 22.74
C GLY B 48 -22.09 10.55 22.79
N ALA B 49 -22.19 9.61 21.85
CA ALA B 49 -21.23 8.52 21.73
C ALA B 49 -19.83 9.04 21.42
N ALA B 50 -19.74 10.02 20.52
CA ALA B 50 -18.44 10.59 20.15
C ALA B 50 -17.79 11.33 21.33
N VAL B 51 -18.60 12.12 22.05
CA VAL B 51 -18.15 12.85 23.25
C VAL B 51 -17.64 11.89 24.33
N ALA B 52 -18.47 10.90 24.67
CA ALA B 52 -18.08 9.86 25.63
C ALA B 52 -16.76 9.19 25.28
N ALA B 53 -16.55 8.85 24.01
CA ALA B 53 -15.36 8.10 23.64
C ALA B 53 -14.14 8.99 23.37
N ARG B 54 -14.38 10.24 22.97
CA ARG B 54 -13.30 11.11 22.47
C ARG B 54 -13.33 12.56 23.00
N GLY B 55 -14.31 12.90 23.82
CA GLY B 55 -14.39 14.26 24.40
C GLY B 55 -14.76 15.37 23.42
N GLN B 56 -15.23 14.96 22.24
CA GLN B 56 -15.60 15.87 21.16
C GLN B 56 -16.38 15.11 20.09
N ALA B 57 -17.33 15.82 19.47
CA ALA B 57 -18.07 15.31 18.33
C ALA B 57 -17.82 16.24 17.14
N LEU B 58 -17.33 15.69 16.04
CA LEU B 58 -17.05 16.49 14.83
C LEU B 58 -18.10 16.18 13.76
N ILE B 59 -18.97 17.14 13.49
CA ILE B 59 -20.12 16.92 12.64
C ILE B 59 -20.04 17.83 11.42
N VAL B 60 -20.24 17.25 10.23
CA VAL B 60 -20.20 18.00 8.97
C VAL B 60 -21.65 18.26 8.57
N LEU B 61 -22.01 19.54 8.48
CA LEU B 61 -23.37 19.91 8.14
C LEU B 61 -23.56 20.12 6.65
N THR B 62 -24.81 20.07 6.23
CA THR B 62 -25.18 20.24 4.84
C THR B 62 -26.29 21.29 4.73
N GLY B 63 -26.58 21.74 3.50
CA GLY B 63 -27.69 22.65 3.22
C GLY B 63 -28.82 21.84 2.62
N GLY B 64 -29.89 22.46 2.17
CA GLY B 64 -30.95 21.64 1.58
C GLY B 64 -31.97 21.24 2.63
N GLY B 65 -33.16 20.85 2.17
CA GLY B 65 -34.34 20.79 3.01
C GLY B 65 -34.20 19.91 4.22
N ASN B 66 -33.91 18.63 3.99
CA ASN B 66 -33.74 17.65 5.07
C ASN B 66 -32.59 18.00 5.98
N GLY B 67 -31.51 18.52 5.41
CA GLY B 67 -30.34 18.90 6.18
C GLY B 67 -30.67 19.98 7.20
N ILE B 68 -31.41 20.99 6.76
CA ILE B 68 -31.78 22.10 7.64
C ILE B 68 -32.87 21.69 8.63
N ALA B 69 -33.87 20.94 8.15
CA ALA B 69 -34.90 20.39 9.06
C ALA B 69 -34.28 19.52 10.16
N LEU B 70 -33.21 18.80 9.84
CA LEU B 70 -32.49 18.04 10.88
C LEU B 70 -31.83 18.98 11.93
N LEU B 71 -31.33 20.12 11.48
CA LEU B 71 -30.83 21.15 12.40
C LEU B 71 -31.93 21.66 13.35
N ARG B 72 -33.13 21.91 12.83
CA ARG B 72 -34.26 22.31 13.67
C ARG B 72 -34.61 21.21 14.67
N TYR B 73 -34.42 19.95 14.28
CA TYR B 73 -34.68 18.87 15.23
C TYR B 73 -33.67 18.95 16.38
N LEU B 74 -32.40 19.16 16.05
CA LEU B 74 -31.37 19.25 17.10
C LEU B 74 -31.66 20.40 18.03
N SER B 75 -32.18 21.47 17.44
CA SER B 75 -32.52 22.68 18.15
C SER B 75 -33.57 22.37 19.20
N ALA B 76 -34.67 21.74 18.79
CA ALA B 76 -35.72 21.34 19.73
C ALA B 76 -35.19 20.41 20.82
N GLN B 77 -34.19 19.60 20.49
CA GLN B 77 -33.65 18.62 21.42
C GLN B 77 -32.34 19.08 22.02
N ALA B 78 -32.13 20.39 22.08
CA ALA B 78 -30.85 20.99 22.47
C ALA B 78 -30.34 20.56 23.85
N GLN B 79 -31.23 20.50 24.84
CA GLN B 79 -30.88 20.06 26.21
C GLN B 79 -30.26 18.65 26.27
N GLN B 80 -30.46 17.87 25.22
CA GLN B 80 -29.90 16.53 25.10
C GLN B 80 -28.46 16.50 24.54
N ILE B 81 -27.96 17.64 24.06
CA ILE B 81 -26.59 17.66 23.50
C ILE B 81 -25.62 18.52 24.33
N GLU B 82 -24.41 18.00 24.53
CA GLU B 82 -23.34 18.74 25.19
C GLU B 82 -22.64 19.61 24.15
N TRP B 83 -23.24 20.77 23.86
CA TRP B 83 -22.82 21.68 22.79
C TRP B 83 -21.41 22.24 22.95
N SER B 84 -20.94 22.32 24.20
CA SER B 84 -19.59 22.76 24.49
C SER B 84 -18.55 21.85 23.85
N LYS B 85 -18.94 20.60 23.57
CA LYS B 85 -18.02 19.59 23.03
C LYS B 85 -18.31 19.25 21.54
N VAL B 86 -19.21 20.00 20.92
CA VAL B 86 -19.56 19.83 19.51
C VAL B 86 -18.74 20.80 18.68
N HIS B 87 -18.18 20.28 17.58
CA HIS B 87 -17.44 21.08 16.63
C HIS B 87 -18.08 20.89 15.25
N LEU B 88 -18.34 21.97 14.53
CA LEU B 88 -19.10 21.90 13.27
C LEU B 88 -18.31 22.33 12.06
N PHE B 89 -18.41 21.53 10.98
CA PHE B 89 -17.81 21.87 9.69
C PHE B 89 -18.94 21.88 8.66
N TRP B 90 -18.66 22.30 7.43
CA TRP B 90 -19.66 22.28 6.36
C TRP B 90 -19.13 21.45 5.21
N GLY B 91 -19.99 20.64 4.61
CA GLY B 91 -19.63 19.82 3.45
C GLY B 91 -19.51 20.66 2.19
N ASP B 92 -20.32 21.71 2.10
CA ASP B 92 -20.20 22.69 1.05
C ASP B 92 -20.81 24.01 1.48
N GLU B 93 -20.69 25.00 0.62
CA GLU B 93 -21.17 26.33 0.92
C GLU B 93 -21.27 27.10 -0.38
N ARG B 94 -22.32 27.90 -0.49
CA ARG B 94 -22.59 28.72 -1.66
C ARG B 94 -21.77 29.99 -1.50
N TYR B 95 -20.99 30.32 -2.52
CA TYR B 95 -20.10 31.49 -2.46
C TYR B 95 -20.90 32.73 -2.91
N VAL B 96 -21.71 33.23 -1.97
CA VAL B 96 -22.58 34.40 -2.13
C VAL B 96 -22.36 35.30 -0.91
N PRO B 97 -22.98 36.50 -0.86
CA PRO B 97 -22.66 37.35 0.29
C PRO B 97 -23.10 36.74 1.62
N GLU B 98 -22.38 37.08 2.69
CA GLU B 98 -22.57 36.54 4.01
C GLU B 98 -24.04 36.57 4.45
N ASP B 99 -24.72 37.67 4.20
CA ASP B 99 -26.09 37.84 4.69
C ASP B 99 -27.16 37.20 3.78
N ASP B 100 -26.74 36.47 2.76
CA ASP B 100 -27.69 35.93 1.79
C ASP B 100 -28.36 34.65 2.29
N ASP B 101 -29.65 34.52 2.01
CA ASP B 101 -30.46 33.35 2.38
C ASP B 101 -29.96 32.03 1.79
N GLU B 102 -29.21 32.11 0.68
CA GLU B 102 -28.58 30.94 0.07
C GLU B 102 -27.35 30.42 0.83
N ARG B 103 -26.95 31.10 1.90
CA ARG B 103 -25.81 30.67 2.70
C ARG B 103 -26.21 29.50 3.60
N ASN B 104 -25.48 28.40 3.49
CA ASN B 104 -25.69 27.25 4.37
C ASN B 104 -25.48 27.65 5.85
N LEU B 105 -24.47 28.50 6.11
CA LEU B 105 -24.20 29.02 7.44
C LEU B 105 -25.38 29.80 7.99
N LYS B 106 -25.92 30.73 7.20
CA LYS B 106 -27.05 31.54 7.63
C LYS B 106 -28.21 30.62 7.97
N GLN B 107 -28.54 29.70 7.06
CA GLN B 107 -29.62 28.74 7.28
C GLN B 107 -29.39 27.91 8.56
N ALA B 108 -28.14 27.53 8.83
CA ALA B 108 -27.78 26.81 10.06
C ALA B 108 -27.96 27.68 11.31
N ARG B 109 -27.58 28.95 11.22
CA ARG B 109 -27.74 29.91 12.32
C ARG B 109 -29.21 30.06 12.75
N ARG B 110 -30.09 30.27 11.77
CA ARG B 110 -31.54 30.44 12.03
C ARG B 110 -32.18 29.16 12.58
N ALA B 111 -31.75 28.03 12.05
CA ALA B 111 -32.29 26.75 12.46
C ALA B 111 -31.79 26.33 13.84
N LEU B 112 -30.53 26.63 14.15
CA LEU B 112 -29.87 26.02 15.30
C LEU B 112 -28.86 26.89 16.05
N LEU B 113 -27.86 27.40 15.35
CA LEU B 113 -26.69 28.01 16.00
C LEU B 113 -27.05 29.22 16.87
N ASN B 114 -28.04 29.99 16.47
CA ASN B 114 -28.51 31.13 17.28
C ASN B 114 -29.23 30.72 18.57
N HIS B 115 -29.59 29.44 18.69
CA HIS B 115 -30.39 28.95 19.82
C HIS B 115 -29.61 28.11 20.82
N VAL B 116 -28.38 27.76 20.46
CA VAL B 116 -27.54 26.90 21.32
C VAL B 116 -26.18 27.56 21.61
N ASP B 117 -25.49 27.03 22.60
N ASP B 117 -25.46 27.02 22.59
CA ASP B 117 -24.24 27.61 23.07
CA ASP B 117 -24.24 27.62 23.11
C ASP B 117 -23.07 26.74 22.65
C ASP B 117 -22.99 26.86 22.67
N ILE B 118 -22.74 26.80 21.37
CA ILE B 118 -21.51 26.19 20.85
C ILE B 118 -20.43 27.28 20.86
N PRO B 119 -19.26 26.99 21.48
CA PRO B 119 -18.23 28.03 21.39
C PRO B 119 -17.92 28.35 19.92
N SER B 120 -17.85 29.63 19.63
CA SER B 120 -17.67 30.16 18.28
C SER B 120 -16.38 29.63 17.61
N ASN B 121 -15.34 29.38 18.40
CA ASN B 121 -14.08 28.81 17.87
C ASN B 121 -14.16 27.30 17.59
N GLN B 122 -15.35 26.73 17.77
CA GLN B 122 -15.59 25.33 17.41
C GLN B 122 -16.55 25.24 16.22
N VAL B 123 -16.91 26.38 15.65
CA VAL B 123 -17.74 26.45 14.46
C VAL B 123 -16.90 26.93 13.26
N HIS B 124 -16.85 26.10 12.23
CA HIS B 124 -15.95 26.35 11.09
C HIS B 124 -16.66 26.54 9.75
N PRO B 125 -17.07 27.77 9.44
CA PRO B 125 -17.77 27.98 8.17
C PRO B 125 -16.81 28.24 7.01
N MET B 126 -17.29 28.01 5.79
CA MET B 126 -16.54 28.32 4.58
C MET B 126 -16.73 29.78 4.22
N ALA B 127 -15.82 30.32 3.41
CA ALA B 127 -15.86 31.75 3.07
C ALA B 127 -17.11 32.17 2.28
N ALA B 128 -17.46 33.45 2.44
CA ALA B 128 -18.55 34.13 1.73
C ALA B 128 -17.96 34.98 0.62
N SER B 129 -18.76 35.28 -0.40
CA SER B 129 -18.24 35.99 -1.60
C SER B 129 -17.78 37.41 -1.30
N ASP B 130 -18.39 38.02 -0.29
CA ASP B 130 -17.96 39.34 0.20
C ASP B 130 -17.03 39.24 1.40
N GLY B 131 -16.34 38.10 1.52
CA GLY B 131 -15.36 37.89 2.58
C GLY B 131 -13.96 38.28 2.14
N ASP B 132 -12.96 37.64 2.75
CA ASP B 132 -11.57 38.03 2.56
C ASP B 132 -11.00 37.83 1.16
N PHE B 133 -11.54 36.86 0.42
CA PHE B 133 -10.89 36.38 -0.79
C PHE B 133 -11.40 36.93 -2.12
N GLY B 134 -12.54 37.63 -2.10
CA GLY B 134 -13.08 38.24 -3.31
C GLY B 134 -13.28 37.25 -4.42
N GLY B 135 -12.87 37.64 -5.62
CA GLY B 135 -12.95 36.76 -6.79
C GLY B 135 -12.04 35.54 -6.76
N ASP B 136 -11.14 35.47 -5.79
CA ASP B 136 -10.24 34.34 -5.73
C ASP B 136 -10.88 33.16 -4.98
N LEU B 137 -11.70 32.40 -5.70
CA LEU B 137 -12.42 31.26 -5.13
C LEU B 137 -11.43 30.16 -4.74
N ASP B 138 -10.37 29.97 -5.53
CA ASP B 138 -9.37 28.95 -5.23
C ASP B 138 -8.73 29.20 -3.84
N ALA B 139 -8.41 30.46 -3.54
CA ALA B 139 -7.77 30.79 -2.24
C ALA B 139 -8.75 30.57 -1.08
N ALA B 140 -10.04 30.80 -1.32
CA ALA B 140 -11.07 30.55 -0.32
C ALA B 140 -11.19 29.07 0.04
N ALA B 141 -11.06 28.18 -0.95
CA ALA B 141 -11.15 26.74 -0.72
C ALA B 141 -9.87 26.26 -0.03
N LEU B 142 -8.74 26.78 -0.50
CA LEU B 142 -7.44 26.45 0.09
C LEU B 142 -7.38 26.83 1.57
N ALA B 143 -7.89 28.02 1.90
CA ALA B 143 -7.94 28.46 3.32
C ALA B 143 -8.77 27.47 4.17
N TYR B 144 -9.92 27.02 3.65
CA TYR B 144 -10.69 26.01 4.38
C TYR B 144 -9.96 24.67 4.53
N GLU B 145 -9.18 24.29 3.52
CA GLU B 145 -8.35 23.10 3.61
C GLU B 145 -7.34 23.22 4.76
N GLN B 146 -6.74 24.39 4.92
CA GLN B 146 -5.82 24.66 6.04
C GLN B 146 -6.50 24.52 7.39
N VAL B 147 -7.72 25.06 7.53
CA VAL B 147 -8.52 24.89 8.73
C VAL B 147 -8.75 23.40 9.02
N LEU B 148 -9.08 22.61 7.99
CA LEU B 148 -9.30 21.18 8.18
C LEU B 148 -8.00 20.49 8.63
N ALA B 149 -6.89 20.84 7.97
CA ALA B 149 -5.58 20.28 8.32
C ALA B 149 -5.22 20.65 9.77
N ALA B 150 -5.43 21.91 10.15
CA ALA B 150 -5.17 22.34 11.53
C ALA B 150 -6.04 21.57 12.55
N SER B 151 -7.22 21.15 12.13
CA SER B 151 -8.12 20.44 13.04
C SER B 151 -7.83 18.95 13.05
N ALA B 152 -7.02 18.49 12.10
CA ALA B 152 -6.74 17.06 11.97
C ALA B 152 -5.73 16.58 13.01
N ALA B 153 -5.79 15.29 13.33
CA ALA B 153 -4.73 14.61 14.06
C ALA B 153 -3.41 14.75 13.30
N PRO B 154 -2.28 14.85 14.02
CA PRO B 154 -0.98 15.01 13.38
C PRO B 154 -0.76 14.04 12.20
N GLY B 155 -0.30 14.58 11.08
CA GLY B 155 -0.07 13.79 9.86
C GLY B 155 -1.24 13.76 8.90
N ASP B 156 -2.44 14.04 9.41
CA ASP B 156 -3.67 13.90 8.60
C ASP B 156 -4.04 15.17 7.82
N PRO B 157 -4.66 15.01 6.64
CA PRO B 157 -5.06 16.17 5.81
C PRO B 157 -6.39 16.79 6.23
N ALA B 158 -7.15 16.08 7.06
CA ALA B 158 -8.42 16.57 7.58
C ALA B 158 -8.85 15.67 8.74
N PRO B 159 -9.77 16.16 9.59
CA PRO B 159 -10.29 15.34 10.70
C PRO B 159 -10.98 14.08 10.21
N ASN B 160 -11.02 13.08 11.08
CA ASN B 160 -11.83 11.90 10.83
C ASN B 160 -13.20 12.17 11.43
N PHE B 161 -14.07 12.78 10.61
CA PHE B 161 -15.34 13.29 11.10
C PHE B 161 -16.20 12.17 11.64
N ASP B 162 -16.91 12.46 12.74
CA ASP B 162 -17.82 11.48 13.30
C ASP B 162 -19.00 11.21 12.37
N VAL B 163 -19.69 12.26 11.94
CA VAL B 163 -20.79 12.12 10.99
C VAL B 163 -20.66 13.21 9.94
N HIS B 164 -20.68 12.81 8.68
CA HIS B 164 -20.87 13.76 7.60
C HIS B 164 -22.31 13.62 7.10
N LEU B 165 -23.12 14.65 7.33
CA LEU B 165 -24.49 14.73 6.79
C LEU B 165 -24.49 15.15 5.34
N LEU B 166 -25.41 14.59 4.56
CA LEU B 166 -25.54 14.87 3.13
C LEU B 166 -26.99 14.86 2.62
N GLY B 167 -27.27 15.78 1.71
CA GLY B 167 -28.40 15.63 0.82
C GLY B 167 -27.88 15.08 -0.49
N MET B 168 -28.80 14.83 -1.42
CA MET B 168 -28.45 14.43 -2.76
C MET B 168 -29.43 15.06 -3.75
N GLY B 169 -28.89 15.65 -4.82
CA GLY B 169 -29.72 16.22 -5.89
C GLY B 169 -30.33 15.13 -6.76
N PRO B 170 -31.30 15.49 -7.63
CA PRO B 170 -31.91 14.50 -8.57
C PRO B 170 -30.90 13.81 -9.47
N GLU B 171 -29.74 14.45 -9.71
CA GLU B 171 -28.70 13.87 -10.56
C GLU B 171 -27.64 13.13 -9.74
N GLY B 172 -27.85 13.03 -8.43
CA GLY B 172 -26.91 12.35 -7.54
C GLY B 172 -25.79 13.21 -6.95
N HIS B 173 -25.83 14.51 -7.17
CA HIS B 173 -24.78 15.34 -6.61
C HIS B 173 -24.90 15.44 -5.08
N ILE B 174 -23.75 15.45 -4.40
CA ILE B 174 -23.68 15.65 -2.96
C ILE B 174 -22.65 16.75 -2.70
N ASN B 175 -22.71 17.37 -1.52
CA ASN B 175 -22.00 18.65 -1.31
C ASN B 175 -22.18 19.53 -2.56
N SER B 176 -21.09 20.05 -3.13
CA SER B 176 -21.19 20.62 -4.48
C SER B 176 -20.38 19.83 -5.51
N LEU B 177 -20.43 18.51 -5.40
CA LEU B 177 -19.74 17.62 -6.33
C LEU B 177 -20.74 17.11 -7.39
N PHE B 178 -20.65 17.66 -8.60
CA PHE B 178 -21.59 17.32 -9.65
C PHE B 178 -21.05 16.23 -10.58
N PRO B 179 -21.95 15.48 -11.26
CA PRO B 179 -21.53 14.50 -12.26
C PRO B 179 -20.51 15.07 -13.24
N HIS B 180 -19.48 14.28 -13.53
CA HIS B 180 -18.49 14.60 -14.57
C HIS B 180 -17.68 15.90 -14.31
N SER B 181 -17.67 16.36 -13.06
CA SER B 181 -17.03 17.64 -12.72
C SER B 181 -15.59 17.43 -12.26
N PRO B 182 -14.73 18.46 -12.45
CA PRO B 182 -13.39 18.36 -11.88
C PRO B 182 -13.39 18.08 -10.35
N ALA B 183 -14.39 18.58 -9.64
CA ALA B 183 -14.50 18.40 -8.17
C ALA B 183 -14.78 16.94 -7.78
N VAL B 184 -15.71 16.30 -8.47
CA VAL B 184 -15.97 14.89 -8.20
C VAL B 184 -14.81 13.98 -8.60
N LEU B 185 -14.00 14.44 -9.56
CA LEU B 185 -12.81 13.70 -10.01
C LEU B 185 -11.57 13.86 -9.12
N GLU B 186 -11.60 14.86 -8.23
CA GLU B 186 -10.44 15.17 -7.36
C GLU B 186 -10.09 13.98 -6.49
N SER B 187 -8.79 13.64 -6.44
CA SER B 187 -8.38 12.43 -5.73
C SER B 187 -7.44 12.72 -4.54
N THR B 188 -7.03 13.98 -4.40
CA THR B 188 -6.06 14.36 -3.37
C THR B 188 -6.53 15.46 -2.41
N ARG B 189 -6.95 16.60 -2.94
CA ARG B 189 -7.41 17.74 -2.15
C ARG B 189 -8.60 17.38 -1.27
N MET B 190 -8.68 18.01 -0.11
CA MET B 190 -9.85 17.87 0.78
C MET B 190 -10.98 18.85 0.43
N VAL B 191 -10.61 20.01 -0.10
CA VAL B 191 -11.56 21.08 -0.40
C VAL B 191 -11.18 21.68 -1.74
N VAL B 192 -12.17 21.94 -2.61
CA VAL B 192 -11.92 22.61 -3.88
C VAL B 192 -12.98 23.65 -4.16
N ALA B 193 -12.62 24.62 -4.99
CA ALA B 193 -13.54 25.61 -5.55
C ALA B 193 -14.39 24.99 -6.64
N VAL B 194 -15.65 25.42 -6.71
CA VAL B 194 -16.54 25.07 -7.82
C VAL B 194 -16.96 26.38 -8.50
N ASP B 195 -16.42 26.62 -9.68
CA ASP B 195 -16.70 27.86 -10.44
C ASP B 195 -17.94 27.74 -11.32
N ASP B 196 -18.33 26.51 -11.61
CA ASP B 196 -19.13 26.20 -12.78
C ASP B 196 -20.43 25.44 -12.51
N SER B 197 -21.02 25.58 -11.33
CA SER B 197 -22.14 24.72 -10.94
C SER B 197 -23.34 24.84 -11.89
N PRO B 198 -23.84 23.71 -12.41
CA PRO B 198 -24.98 23.72 -13.33
C PRO B 198 -26.28 24.20 -12.69
N LYS B 199 -26.35 24.19 -11.36
CA LYS B 199 -27.49 24.70 -10.61
C LYS B 199 -27.03 25.93 -9.82
N PRO B 200 -27.79 27.04 -9.89
CA PRO B 200 -27.44 28.29 -9.19
C PRO B 200 -27.41 28.12 -7.68
N PRO B 201 -26.56 28.91 -6.98
CA PRO B 201 -25.60 29.85 -7.53
C PRO B 201 -24.38 29.13 -8.10
N PRO B 202 -23.67 29.74 -9.08
CA PRO B 202 -22.63 29.02 -9.82
C PRO B 202 -21.36 28.69 -9.03
N ARG B 203 -21.03 29.54 -8.05
CA ARG B 203 -19.80 29.41 -7.30
C ARG B 203 -20.01 28.81 -5.89
N ARG B 204 -19.29 27.74 -5.61
CA ARG B 204 -19.41 27.06 -4.33
C ARG B 204 -18.04 26.62 -3.87
N ILE B 205 -17.89 26.37 -2.57
CA ILE B 205 -16.72 25.72 -2.02
C ILE B 205 -17.21 24.36 -1.51
N THR B 206 -16.43 23.31 -1.74
CA THR B 206 -16.90 21.94 -1.45
C THR B 206 -15.84 21.01 -0.87
N LEU B 207 -16.23 20.18 0.08
CA LEU B 207 -15.43 19.00 0.42
C LEU B 207 -15.56 17.98 -0.69
N THR B 208 -14.48 17.24 -0.90
CA THR B 208 -14.34 16.28 -1.99
C THR B 208 -14.69 14.87 -1.53
N LEU B 209 -14.65 13.91 -2.45
CA LEU B 209 -14.93 12.52 -2.07
C LEU B 209 -13.92 11.97 -1.06
N PRO B 210 -12.60 12.25 -1.27
CA PRO B 210 -11.60 11.90 -0.23
C PRO B 210 -11.93 12.47 1.17
N ALA B 211 -12.42 13.71 1.24
CA ALA B 211 -12.76 14.34 2.54
C ALA B 211 -13.95 13.60 3.16
N ILE B 212 -14.98 13.35 2.36
CA ILE B 212 -16.16 12.64 2.83
C ILE B 212 -15.77 11.25 3.35
N GLN B 213 -14.83 10.59 2.66
CA GLN B 213 -14.42 9.23 2.97
C GLN B 213 -13.54 9.11 4.21
N ARG B 214 -13.10 10.24 4.76
CA ARG B 214 -12.41 10.28 6.07
C ARG B 214 -13.41 10.11 7.22
N SER B 215 -14.70 10.36 6.97
CA SER B 215 -15.73 10.32 8.01
C SER B 215 -15.93 8.89 8.54
N ARG B 216 -16.13 8.75 9.85
CA ARG B 216 -16.57 7.48 10.43
C ARG B 216 -17.90 7.07 9.78
N GLU B 217 -18.85 8.00 9.80
CA GLU B 217 -20.18 7.75 9.26
C GLU B 217 -20.55 8.80 8.23
N VAL B 218 -21.17 8.35 7.13
CA VAL B 218 -21.78 9.25 6.17
C VAL B 218 -23.29 8.95 6.08
N TRP B 219 -24.13 9.95 6.30
CA TRP B 219 -25.58 9.75 6.24
C TRP B 219 -26.18 10.60 5.14
N LEU B 220 -26.93 9.95 4.27
CA LEU B 220 -27.64 10.65 3.21
C LEU B 220 -29.13 10.73 3.57
N LEU B 221 -29.66 11.94 3.56
CA LEU B 221 -31.10 12.15 3.83
C LEU B 221 -31.80 12.52 2.52
N VAL B 222 -32.39 11.52 1.89
CA VAL B 222 -32.92 11.66 0.54
C VAL B 222 -34.41 11.28 0.44
N SER B 223 -35.23 12.25 0.04
CA SER B 223 -36.67 12.01 -0.09
C SER B 223 -37.19 12.58 -1.40
N GLY B 224 -38.24 11.94 -1.95
CA GLY B 224 -38.89 12.43 -3.15
C GLY B 224 -38.73 11.57 -4.40
N PRO B 225 -39.74 11.61 -5.29
CA PRO B 225 -39.77 10.85 -6.54
C PRO B 225 -38.69 11.27 -7.53
N GLY B 226 -38.26 12.53 -7.45
CA GLY B 226 -37.22 13.05 -8.31
C GLY B 226 -35.81 12.54 -8.01
N LYS B 227 -35.62 11.93 -6.84
CA LYS B 227 -34.31 11.41 -6.44
C LYS B 227 -34.20 9.90 -6.64
N ALA B 228 -35.33 9.25 -6.90
CA ALA B 228 -35.44 7.77 -6.92
C ALA B 228 -34.49 7.06 -7.87
N ASP B 229 -34.39 7.56 -9.10
CA ASP B 229 -33.50 6.97 -10.11
C ASP B 229 -32.02 7.07 -9.72
N ALA B 230 -31.59 8.26 -9.28
CA ALA B 230 -30.21 8.46 -8.81
C ALA B 230 -29.88 7.61 -7.57
N VAL B 231 -30.83 7.53 -6.62
CA VAL B 231 -30.69 6.69 -5.43
C VAL B 231 -30.40 5.25 -5.85
N ALA B 232 -31.25 4.70 -6.70
CA ALA B 232 -31.10 3.33 -7.16
C ALA B 232 -29.78 3.12 -7.92
N ALA B 233 -29.39 4.09 -8.74
CA ALA B 233 -28.10 4.02 -9.42
C ALA B 233 -26.93 4.04 -8.43
N ALA B 234 -26.97 4.97 -7.48
CA ALA B 234 -25.91 5.07 -6.48
C ALA B 234 -25.81 3.79 -5.64
N ILE B 235 -26.92 3.35 -5.08
CA ILE B 235 -26.97 2.12 -4.26
C ILE B 235 -26.61 0.89 -5.09
N GLY B 236 -27.00 0.88 -6.34
CA GLY B 236 -26.62 -0.19 -7.25
C GLY B 236 -25.15 -0.18 -7.67
N GLY B 237 -24.35 0.73 -7.11
CA GLY B 237 -22.89 0.76 -7.36
C GLY B 237 -22.43 1.45 -8.65
N ALA B 238 -23.11 2.53 -9.03
CA ALA B 238 -22.69 3.26 -10.21
C ALA B 238 -21.33 3.96 -9.97
N ASP B 239 -20.65 4.30 -11.05
CA ASP B 239 -19.46 5.13 -11.01
C ASP B 239 -19.75 6.48 -10.33
N PRO B 240 -19.09 6.79 -9.19
CA PRO B 240 -19.27 8.10 -8.50
C PRO B 240 -19.11 9.32 -9.41
N VAL B 241 -18.26 9.23 -10.43
CA VAL B 241 -18.13 10.32 -11.39
C VAL B 241 -19.45 10.56 -12.16
N SER B 242 -20.23 9.50 -12.41
CA SER B 242 -21.55 9.63 -13.04
C SER B 242 -22.58 9.98 -12.01
N VAL B 243 -22.53 9.29 -10.87
CA VAL B 243 -23.47 9.55 -9.77
C VAL B 243 -22.69 9.81 -8.47
N PRO B 244 -22.40 11.08 -8.17
CA PRO B 244 -21.50 11.40 -7.05
C PRO B 244 -21.81 10.71 -5.69
N ALA B 245 -23.08 10.62 -5.31
CA ALA B 245 -23.50 9.95 -4.07
C ALA B 245 -22.93 8.53 -3.88
N ALA B 246 -22.62 7.85 -4.98
CA ALA B 246 -22.05 6.51 -4.94
C ALA B 246 -20.67 6.52 -4.27
N GLY B 247 -19.96 7.64 -4.35
CA GLY B 247 -18.66 7.76 -3.68
C GLY B 247 -18.76 8.25 -2.23
N ALA B 248 -19.98 8.52 -1.77
CA ALA B 248 -20.19 9.08 -0.42
C ALA B 248 -20.24 7.98 0.64
N VAL B 249 -19.07 7.47 1.02
CA VAL B 249 -18.93 6.22 1.79
C VAL B 249 -18.13 6.42 3.08
N GLY B 250 -18.69 6.03 4.22
CA GLY B 250 -18.04 6.24 5.52
C GLY B 250 -17.05 5.13 5.84
N ARG B 251 -16.14 5.39 6.77
CA ARG B 251 -15.14 4.38 7.19
C ARG B 251 -15.81 3.20 7.88
N GLN B 252 -16.77 3.48 8.75
CA GLN B 252 -17.45 2.44 9.55
C GLN B 252 -18.85 2.15 9.04
N ASN B 253 -19.56 3.19 8.59
CA ASN B 253 -20.81 2.96 7.86
C ASN B 253 -21.31 4.12 7.02
N THR B 254 -22.29 3.76 6.21
CA THR B 254 -22.93 4.64 5.27
C THR B 254 -24.41 4.35 5.43
N LEU B 255 -25.15 5.39 5.74
CA LEU B 255 -26.54 5.24 6.08
C LEU B 255 -27.36 6.05 5.07
N TRP B 256 -28.17 5.34 4.29
CA TRP B 256 -29.10 5.97 3.36
C TRP B 256 -30.46 6.05 4.04
N LEU B 257 -30.86 7.25 4.40
CA LEU B 257 -32.17 7.47 5.03
C LEU B 257 -33.12 8.05 3.97
N LEU B 258 -34.11 7.24 3.60
CA LEU B 258 -35.01 7.51 2.45
C LEU B 258 -36.46 7.56 2.86
N ASP B 259 -37.26 8.34 2.13
CA ASP B 259 -38.72 8.12 2.18
C ASP B 259 -39.14 7.09 1.12
N ARG B 260 -40.40 6.67 1.17
CA ARG B 260 -40.90 5.64 0.24
C ARG B 260 -40.74 6.05 -1.23
N ASP B 261 -40.98 7.32 -1.53
CA ASP B 261 -40.83 7.84 -2.89
C ASP B 261 -39.39 7.73 -3.39
N ALA B 262 -38.42 8.09 -2.54
CA ALA B 262 -37.01 8.09 -2.95
C ALA B 262 -36.50 6.67 -3.16
N ALA B 263 -37.22 5.71 -2.56
CA ALA B 263 -36.85 4.30 -2.58
C ALA B 263 -37.48 3.52 -3.73
N ALA B 264 -38.31 4.20 -4.54
CA ALA B 264 -39.21 3.53 -5.50
C ALA B 264 -38.53 2.69 -6.59
N LYS B 265 -37.30 3.03 -6.94
CA LYS B 265 -36.62 2.36 -8.06
C LYS B 265 -35.60 1.31 -7.61
N LEU B 266 -35.59 1.00 -6.33
CA LEU B 266 -34.69 -0.03 -5.80
C LEU B 266 -35.27 -1.41 -6.15
N PRO B 267 -34.42 -2.46 -6.15
CA PRO B 267 -34.93 -3.77 -6.62
C PRO B 267 -35.90 -4.35 -5.63
N MET C 22 35.50 19.14 1.55
CA MET C 22 34.66 18.94 2.78
C MET C 22 33.71 20.12 2.95
N SER C 23 32.42 19.81 2.95
CA SER C 23 31.38 20.81 3.06
C SER C 23 30.44 20.48 4.23
N SER C 24 29.86 21.52 4.83
CA SER C 24 28.73 21.34 5.72
C SER C 24 27.73 22.45 5.43
N SER C 25 26.44 22.17 5.64
CA SER C 25 25.41 23.18 5.43
C SER C 25 24.32 23.15 6.49
N ILE C 26 23.76 24.32 6.77
CA ILE C 26 22.64 24.44 7.66
C ILE C 26 21.42 24.91 6.87
N GLU C 27 20.31 24.21 7.06
CA GLU C 27 18.98 24.60 6.58
C GLU C 27 18.02 24.69 7.77
N ILE C 28 17.22 25.75 7.80
CA ILE C 28 16.28 25.96 8.91
C ILE C 28 14.84 26.00 8.36
N PHE C 29 13.94 25.32 9.05
CA PHE C 29 12.52 25.24 8.68
C PHE C 29 11.63 25.66 9.85
N PRO C 30 10.38 26.08 9.56
CA PRO C 30 9.46 26.48 10.62
C PRO C 30 9.20 25.37 11.66
N ASP C 31 9.12 24.12 11.20
CA ASP C 31 8.82 22.99 12.09
C ASP C 31 9.34 21.66 11.54
N SER C 32 9.13 20.59 12.32
CA SER C 32 9.70 19.31 11.97
C SER C 32 8.97 18.61 10.82
N ASP C 33 7.71 18.98 10.60
CA ASP C 33 6.95 18.42 9.50
C ASP C 33 7.50 18.91 8.15
N ILE C 34 7.78 20.21 8.06
CA ILE C 34 8.37 20.80 6.85
C ILE C 34 9.81 20.32 6.66
N LEU C 35 10.57 20.28 7.76
CA LEU C 35 11.91 19.70 7.82
C LEU C 35 11.92 18.29 7.21
N VAL C 36 11.07 17.41 7.76
CA VAL C 36 10.98 16.03 7.28
C VAL C 36 10.69 15.99 5.77
N ALA C 37 9.70 16.77 5.34
CA ALA C 37 9.30 16.78 3.93
C ALA C 37 10.46 17.18 3.00
N ALA C 38 11.29 18.13 3.43
CA ALA C 38 12.48 18.53 2.67
C ALA C 38 13.59 17.48 2.68
N ALA C 39 13.85 16.89 3.85
CA ALA C 39 14.77 15.76 3.96
C ALA C 39 14.31 14.64 3.04
N GLY C 40 13.01 14.38 3.05
CA GLY C 40 12.40 13.34 2.21
C GLY C 40 12.62 13.54 0.73
N LYS C 41 12.26 14.72 0.23
CA LYS C 41 12.44 15.03 -1.18
C LYS C 41 13.91 14.95 -1.56
N ARG C 42 14.75 15.48 -0.68
CA ARG C 42 16.19 15.38 -0.87
C ARG C 42 16.70 13.93 -0.86
N LEU C 43 16.18 13.11 0.06
CA LEU C 43 16.64 11.71 0.18
C LEU C 43 16.26 10.89 -1.06
N VAL C 44 15.06 11.15 -1.59
CA VAL C 44 14.62 10.51 -2.83
C VAL C 44 15.59 10.85 -3.96
N GLY C 45 15.98 12.12 -4.05
CA GLY C 45 17.02 12.56 -5.00
C GLY C 45 18.37 11.88 -4.86
N ALA C 46 18.84 11.77 -3.61
CA ALA C 46 20.16 11.22 -3.29
C ALA C 46 20.24 9.73 -3.65
N ILE C 47 19.17 9.00 -3.39
CA ILE C 47 19.07 7.58 -3.77
C ILE C 47 19.15 7.44 -5.28
N GLY C 48 18.37 8.23 -6.02
CA GLY C 48 18.44 8.22 -7.48
C GLY C 48 19.82 8.56 -8.01
N ALA C 49 20.46 9.55 -7.39
CA ALA C 49 21.79 9.99 -7.82
C ALA C 49 22.81 8.90 -7.56
N ALA C 50 22.69 8.22 -6.43
CA ALA C 50 23.61 7.13 -6.09
C ALA C 50 23.46 5.91 -7.02
N VAL C 51 22.22 5.53 -7.33
CA VAL C 51 21.97 4.41 -8.24
C VAL C 51 22.49 4.74 -9.65
N ALA C 52 22.29 5.98 -10.11
CA ALA C 52 22.76 6.37 -11.44
C ALA C 52 24.27 6.28 -11.57
N ALA C 53 24.99 6.74 -10.54
CA ALA C 53 26.44 6.79 -10.59
C ALA C 53 27.09 5.45 -10.31
N ARG C 54 26.57 4.70 -9.34
CA ARG C 54 27.28 3.53 -8.84
C ARG C 54 26.44 2.27 -8.87
N GLY C 55 25.18 2.43 -9.25
CA GLY C 55 24.28 1.29 -9.45
C GLY C 55 23.74 0.69 -8.18
N GLN C 56 23.96 1.37 -7.06
CA GLN C 56 23.38 1.00 -5.78
C GLN C 56 23.31 2.24 -4.90
N ALA C 57 22.37 2.24 -3.95
CA ALA C 57 22.30 3.29 -2.94
C ALA C 57 22.48 2.64 -1.58
N LEU C 58 23.48 3.11 -0.82
CA LEU C 58 23.79 2.55 0.50
C LEU C 58 23.35 3.54 1.58
N ILE C 59 22.27 3.20 2.29
CA ILE C 59 21.62 4.14 3.22
C ILE C 59 21.63 3.63 4.65
N VAL C 60 22.05 4.48 5.58
CA VAL C 60 22.07 4.12 7.00
C VAL C 60 20.87 4.80 7.67
N LEU C 61 19.97 4.01 8.24
CA LEU C 61 18.78 4.54 8.88
C LEU C 61 19.00 4.78 10.37
N THR C 62 18.10 5.58 10.94
CA THR C 62 18.16 5.93 12.33
C THR C 62 16.76 5.81 12.93
N GLY C 63 16.67 5.89 14.25
CA GLY C 63 15.38 5.83 14.94
C GLY C 63 15.07 7.23 15.40
N GLY C 64 14.07 7.38 16.25
CA GLY C 64 13.74 8.72 16.72
C GLY C 64 12.74 9.28 15.74
N GLY C 65 11.97 10.24 16.23
CA GLY C 65 10.77 10.76 15.56
C GLY C 65 10.94 11.23 14.12
N ASN C 66 11.93 12.08 13.87
CA ASN C 66 12.20 12.58 12.52
C ASN C 66 12.67 11.49 11.57
N GLY C 67 13.55 10.62 12.08
CA GLY C 67 14.12 9.52 11.29
C GLY C 67 13.08 8.53 10.81
N ILE C 68 12.09 8.25 11.66
CA ILE C 68 10.98 7.38 11.29
C ILE C 68 9.98 8.05 10.37
N ALA C 69 9.65 9.31 10.69
CA ALA C 69 8.79 10.15 9.84
C ALA C 69 9.35 10.19 8.43
N LEU C 70 10.67 10.24 8.31
CA LEU C 70 11.34 10.26 7.02
C LEU C 70 11.11 8.98 6.21
N LEU C 71 11.11 7.84 6.88
CA LEU C 71 10.80 6.57 6.23
C LEU C 71 9.36 6.54 5.70
N ARG C 72 8.43 7.19 6.40
CA ARG C 72 7.03 7.23 5.96
C ARG C 72 6.92 8.06 4.69
N TYR C 73 7.71 9.15 4.62
CA TYR C 73 7.78 9.94 3.40
C TYR C 73 8.24 9.08 2.21
N LEU C 74 9.31 8.29 2.40
CA LEU C 74 9.83 7.45 1.33
C LEU C 74 8.76 6.44 0.91
N SER C 75 8.03 5.94 1.90
CA SER C 75 6.93 5.02 1.68
C SER C 75 5.84 5.65 0.80
N ALA C 76 5.38 6.85 1.15
CA ALA C 76 4.37 7.55 0.33
C ALA C 76 4.87 7.81 -1.09
N GLN C 77 6.19 7.93 -1.23
CA GLN C 77 6.85 8.28 -2.50
C GLN C 77 7.54 7.06 -3.12
N ALA C 78 7.13 5.86 -2.71
CA ALA C 78 7.84 4.64 -3.08
C ALA C 78 8.14 4.50 -4.57
N GLN C 79 7.22 4.96 -5.41
CA GLN C 79 7.35 4.83 -6.86
C GLN C 79 8.49 5.66 -7.45
N GLN C 80 9.08 6.52 -6.62
CA GLN C 80 10.22 7.35 -7.01
C GLN C 80 11.57 6.62 -6.91
N ILE C 81 11.59 5.46 -6.26
CA ILE C 81 12.86 4.81 -5.88
C ILE C 81 12.96 3.40 -6.49
N GLU C 82 14.11 3.05 -7.05
CA GLU C 82 14.37 1.69 -7.56
C GLU C 82 14.83 0.82 -6.39
N TRP C 83 13.86 0.24 -5.70
CA TRP C 83 14.09 -0.48 -4.45
C TRP C 83 15.02 -1.67 -4.55
N SER C 84 15.07 -2.29 -5.73
CA SER C 84 15.98 -3.41 -5.95
C SER C 84 17.45 -3.02 -5.86
N LYS C 85 17.75 -1.72 -5.93
CA LYS C 85 19.13 -1.24 -5.86
C LYS C 85 19.46 -0.54 -4.54
N VAL C 86 18.55 -0.66 -3.58
CA VAL C 86 18.71 -0.01 -2.28
C VAL C 86 19.25 -0.99 -1.23
N HIS C 87 20.26 -0.55 -0.47
CA HIS C 87 20.85 -1.37 0.56
C HIS C 87 20.77 -0.61 1.88
N LEU C 88 20.27 -1.26 2.93
CA LEU C 88 20.02 -0.54 4.19
C LEU C 88 20.82 -1.08 5.35
N PHE C 89 21.27 -0.16 6.19
CA PHE C 89 22.01 -0.51 7.40
C PHE C 89 21.42 0.35 8.50
N TRP C 90 21.80 0.10 9.75
CA TRP C 90 21.31 0.91 10.85
C TRP C 90 22.47 1.57 11.59
N GLY C 91 22.29 2.85 11.96
CA GLY C 91 23.28 3.61 12.70
C GLY C 91 23.37 3.13 14.13
N ASP C 92 22.24 2.74 14.72
CA ASP C 92 22.24 2.10 16.02
C ASP C 92 20.94 1.33 16.22
N GLU C 93 20.89 0.51 17.24
CA GLU C 93 19.70 -0.27 17.51
C GLU C 93 19.59 -0.50 19.00
N ARG C 94 18.36 -0.61 19.47
CA ARG C 94 18.07 -0.96 20.84
C ARG C 94 18.11 -2.47 21.01
N TYR C 95 18.95 -2.92 21.96
CA TYR C 95 19.12 -4.35 22.18
C TYR C 95 18.03 -4.85 23.12
N VAL C 96 16.87 -5.09 22.53
CA VAL C 96 15.64 -5.53 23.20
C VAL C 96 14.98 -6.60 22.33
N PRO C 97 13.91 -7.27 22.82
CA PRO C 97 13.26 -8.31 22.01
C PRO C 97 12.89 -7.83 20.59
N GLU C 98 12.98 -8.73 19.60
CA GLU C 98 12.71 -8.40 18.20
C GLU C 98 11.37 -7.68 18.03
N ASP C 99 10.32 -8.20 18.66
CA ASP C 99 8.97 -7.67 18.50
C ASP C 99 8.61 -6.47 19.41
N ASP C 100 9.58 -5.95 20.13
CA ASP C 100 9.40 -4.75 20.95
C ASP C 100 9.16 -3.50 20.08
N ASP C 101 8.35 -2.57 20.58
CA ASP C 101 8.09 -1.31 19.86
C ASP C 101 9.29 -0.36 19.91
N GLU C 102 10.22 -0.60 20.83
CA GLU C 102 11.44 0.20 20.96
C GLU C 102 12.46 -0.11 19.85
N ARG C 103 12.20 -1.14 19.06
CA ARG C 103 13.12 -1.54 17.98
C ARG C 103 13.08 -0.54 16.83
N ASN C 104 14.26 -0.03 16.44
CA ASN C 104 14.39 0.81 15.25
C ASN C 104 14.00 0.06 14.00
N LEU C 105 14.31 -1.24 13.97
CA LEU C 105 13.98 -2.11 12.86
C LEU C 105 12.48 -2.28 12.72
N LYS C 106 11.82 -2.64 13.82
CA LYS C 106 10.35 -2.79 13.82
C LYS C 106 9.67 -1.50 13.32
N GLN C 107 10.13 -0.35 13.83
CA GLN C 107 9.62 0.94 13.34
C GLN C 107 9.85 1.09 11.82
N ALA C 108 11.06 0.81 11.35
CA ALA C 108 11.39 0.89 9.93
C ALA C 108 10.48 -0.01 9.09
N ARG C 109 10.32 -1.25 9.54
CA ARG C 109 9.41 -2.21 8.89
C ARG C 109 7.99 -1.63 8.73
N ARG C 110 7.40 -1.19 9.84
CA ARG C 110 6.08 -0.57 9.85
C ARG C 110 5.98 0.72 9.01
N ALA C 111 6.98 1.59 9.12
CA ALA C 111 6.96 2.88 8.40
C ALA C 111 7.20 2.71 6.90
N LEU C 112 8.06 1.77 6.53
CA LEU C 112 8.53 1.66 5.14
C LEU C 112 8.71 0.23 4.65
N LEU C 113 9.53 -0.55 5.35
CA LEU C 113 10.09 -1.79 4.78
C LEU C 113 9.05 -2.83 4.39
N ASN C 114 7.97 -2.90 5.15
CA ASN C 114 6.89 -3.83 4.85
C ASN C 114 6.17 -3.49 3.53
N HIS C 115 6.29 -2.24 3.08
CA HIS C 115 5.50 -1.74 1.94
C HIS C 115 6.23 -1.63 0.59
N VAL C 116 7.52 -1.98 0.52
CA VAL C 116 8.30 -1.80 -0.72
C VAL C 116 9.06 -3.07 -1.14
N ASP C 117 9.48 -3.16 -2.41
CA ASP C 117 10.10 -4.39 -2.97
C ASP C 117 11.64 -4.47 -2.82
N ILE C 118 12.12 -4.09 -1.65
CA ILE C 118 13.54 -4.18 -1.33
C ILE C 118 13.91 -5.64 -0.96
N PRO C 119 14.99 -6.18 -1.56
CA PRO C 119 15.34 -7.56 -1.27
C PRO C 119 15.90 -7.72 0.14
N SER C 120 15.52 -8.81 0.82
CA SER C 120 15.90 -9.03 2.23
C SER C 120 17.42 -9.12 2.41
N ASN C 121 18.11 -9.73 1.44
CA ASN C 121 19.57 -9.83 1.52
C ASN C 121 20.28 -8.49 1.32
N GLN C 122 19.50 -7.44 1.14
CA GLN C 122 20.07 -6.11 1.00
C GLN C 122 19.70 -5.24 2.21
N VAL C 123 18.87 -5.79 3.09
CA VAL C 123 18.52 -5.16 4.36
C VAL C 123 19.30 -5.84 5.49
N HIS C 124 20.02 -5.04 6.27
CA HIS C 124 20.97 -5.53 7.27
C HIS C 124 20.66 -4.97 8.64
N PRO C 125 19.74 -5.61 9.37
CA PRO C 125 19.39 -5.11 10.70
C PRO C 125 20.46 -5.48 11.71
N MET C 126 20.45 -4.79 12.86
CA MET C 126 21.28 -5.18 13.98
C MET C 126 20.46 -6.15 14.84
N ALA C 127 21.16 -6.99 15.61
CA ALA C 127 20.50 -8.07 16.33
C ALA C 127 19.58 -7.56 17.42
N ALA C 128 18.61 -8.40 17.77
CA ALA C 128 17.70 -8.19 18.88
C ALA C 128 18.25 -8.99 20.06
N SER C 129 17.66 -8.82 21.23
CA SER C 129 18.16 -9.50 22.44
C SER C 129 17.63 -10.94 22.54
N ASP C 130 16.66 -11.31 21.71
CA ASP C 130 16.08 -12.65 21.79
C ASP C 130 16.29 -13.48 20.52
N GLY C 131 17.34 -13.16 19.78
CA GLY C 131 17.72 -13.89 18.58
C GLY C 131 18.95 -14.74 18.80
N ASP C 132 19.76 -14.91 17.75
CA ASP C 132 20.89 -15.82 17.75
C ASP C 132 22.01 -15.51 18.75
N PHE C 133 21.92 -14.39 19.46
CA PHE C 133 23.00 -13.99 20.35
C PHE C 133 22.60 -14.02 21.81
N GLY C 134 21.30 -14.24 22.06
CA GLY C 134 20.73 -14.16 23.41
C GLY C 134 21.16 -12.86 24.03
N GLY C 135 21.65 -12.90 25.27
CA GLY C 135 22.14 -11.71 25.96
C GLY C 135 23.55 -11.30 25.60
N ASP C 136 24.16 -11.97 24.61
CA ASP C 136 25.55 -11.66 24.27
C ASP C 136 25.69 -10.45 23.32
N LEU C 137 25.41 -9.29 23.89
CA LEU C 137 25.59 -7.98 23.28
C LEU C 137 26.91 -7.83 22.53
N ASP C 138 28.03 -8.20 23.18
CA ASP C 138 29.35 -8.03 22.58
C ASP C 138 29.50 -8.81 21.29
N ALA C 139 29.08 -10.07 21.32
CA ALA C 139 29.12 -10.92 20.14
C ALA C 139 28.15 -10.40 19.07
N ALA C 140 27.02 -9.83 19.49
CA ALA C 140 26.09 -9.24 18.54
C ALA C 140 26.68 -7.99 17.83
N ALA C 141 27.44 -7.18 18.57
CA ALA C 141 28.11 -6.02 17.99
C ALA C 141 29.22 -6.45 17.02
N LEU C 142 29.95 -7.51 17.37
CA LEU C 142 31.02 -8.01 16.52
C LEU C 142 30.46 -8.66 15.24
N ALA C 143 29.32 -9.31 15.37
CA ALA C 143 28.63 -9.89 14.23
C ALA C 143 28.15 -8.79 13.26
N TYR C 144 27.81 -7.61 13.78
CA TYR C 144 27.44 -6.52 12.89
C TYR C 144 28.62 -5.90 12.16
N GLU C 145 29.77 -5.83 12.83
N GLU C 145 29.80 -5.80 12.78
CA GLU C 145 31.04 -5.44 12.21
CA GLU C 145 30.97 -5.35 12.01
C GLU C 145 31.40 -6.36 11.04
C GLU C 145 31.50 -6.38 11.02
N GLN C 146 31.11 -7.65 11.19
CA GLN C 146 31.39 -8.64 10.17
C GLN C 146 30.43 -8.46 9.00
N VAL C 147 29.18 -8.12 9.31
CA VAL C 147 28.19 -7.81 8.28
C VAL C 147 28.69 -6.63 7.43
N LEU C 148 29.15 -5.56 8.07
CA LEU C 148 29.69 -4.42 7.34
C LEU C 148 30.92 -4.77 6.50
N ALA C 149 31.83 -5.57 7.06
CA ALA C 149 33.02 -6.00 6.35
C ALA C 149 32.73 -6.88 5.12
N ALA C 150 31.69 -7.70 5.19
CA ALA C 150 31.25 -8.49 4.03
C ALA C 150 30.65 -7.61 2.93
N SER C 151 29.84 -6.63 3.33
CA SER C 151 29.27 -5.66 2.40
C SER C 151 30.28 -4.64 1.85
N ALA C 152 31.48 -4.59 2.42
CA ALA C 152 32.46 -3.57 2.05
C ALA C 152 33.17 -3.94 0.75
N ALA C 153 33.67 -2.94 0.03
CA ALA C 153 34.57 -3.19 -1.09
C ALA C 153 35.72 -4.01 -0.55
N PRO C 154 36.32 -4.87 -1.38
CA PRO C 154 37.44 -5.69 -0.87
C PRO C 154 38.51 -4.78 -0.27
N GLY C 155 38.92 -5.09 0.97
CA GLY C 155 39.96 -4.32 1.65
C GLY C 155 39.48 -3.28 2.66
N ASP C 156 38.18 -3.00 2.67
CA ASP C 156 37.62 -1.97 3.54
C ASP C 156 36.97 -2.58 4.78
N PRO C 157 36.92 -1.82 5.89
CA PRO C 157 36.25 -2.28 7.11
C PRO C 157 34.70 -2.17 7.05
N ALA C 158 34.19 -1.32 6.15
CA ALA C 158 32.76 -1.10 6.01
C ALA C 158 32.45 -0.49 4.64
N PRO C 159 31.16 -0.49 4.22
CA PRO C 159 30.85 0.17 2.95
C PRO C 159 31.06 1.69 3.02
N ASN C 160 31.25 2.28 1.85
CA ASN C 160 31.23 3.72 1.72
C ASN C 160 29.78 4.18 1.56
N PHE C 161 29.13 4.41 2.69
CA PHE C 161 27.70 4.71 2.70
C PHE C 161 27.46 5.97 1.87
N ASP C 162 26.29 6.05 1.24
CA ASP C 162 25.91 7.27 0.52
C ASP C 162 25.34 8.31 1.46
N VAL C 163 24.40 7.90 2.30
CA VAL C 163 23.81 8.80 3.28
C VAL C 163 23.67 8.08 4.61
N HIS C 164 24.22 8.66 5.67
CA HIS C 164 23.92 8.22 7.04
C HIS C 164 22.94 9.22 7.65
N LEU C 165 21.74 8.75 7.98
CA LEU C 165 20.76 9.57 8.69
C LEU C 165 20.99 9.54 10.20
N LEU C 166 20.69 10.65 10.89
CA LEU C 166 20.90 10.77 12.33
C LEU C 166 19.89 11.67 12.98
N GLY C 167 19.52 11.30 14.20
CA GLY C 167 18.91 12.23 15.15
C GLY C 167 20.03 12.69 16.07
N MET C 168 19.75 13.68 16.90
CA MET C 168 20.70 14.12 17.93
C MET C 168 19.90 14.29 19.22
N GLY C 169 20.50 13.94 20.36
CA GLY C 169 19.82 14.08 21.64
C GLY C 169 20.16 15.41 22.27
N PRO C 170 19.48 15.79 23.38
CA PRO C 170 19.74 17.10 24.00
C PRO C 170 21.15 17.27 24.57
N GLU C 171 21.92 16.17 24.68
CA GLU C 171 23.34 16.29 25.05
C GLU C 171 24.27 16.14 23.84
N GLY C 172 23.69 16.04 22.65
CA GLY C 172 24.53 15.96 21.47
C GLY C 172 24.88 14.56 21.00
N HIS C 173 24.34 13.54 21.70
CA HIS C 173 24.59 12.14 21.34
C HIS C 173 23.97 11.82 20.00
N ILE C 174 24.70 11.07 19.18
CA ILE C 174 24.14 10.52 17.93
C ILE C 174 24.37 9.01 17.91
N ASN C 175 23.53 8.30 17.15
CA ASN C 175 23.46 6.83 17.25
C ASN C 175 23.33 6.47 18.75
N SER C 176 24.26 5.68 19.28
CA SER C 176 24.33 5.48 20.72
C SER C 176 25.71 5.84 21.26
N LEU C 177 26.27 6.91 20.69
CA LEU C 177 27.55 7.45 21.12
C LEU C 177 27.26 8.61 22.07
N PHE C 178 27.58 8.43 23.34
CA PHE C 178 27.34 9.46 24.35
C PHE C 178 28.63 10.22 24.75
N PRO C 179 28.46 11.41 25.35
CA PRO C 179 29.61 12.19 25.83
C PRO C 179 30.51 11.34 26.73
N HIS C 180 31.83 11.48 26.58
CA HIS C 180 32.80 10.86 27.48
C HIS C 180 32.87 9.32 27.37
N SER C 181 32.00 8.74 26.54
CA SER C 181 31.97 7.28 26.38
C SER C 181 33.20 6.75 25.64
N PRO C 182 33.58 5.50 25.93
CA PRO C 182 34.60 4.83 25.12
C PRO C 182 34.08 4.66 23.69
N ALA C 183 32.76 4.49 23.55
CA ALA C 183 32.09 4.43 22.25
C ALA C 183 32.44 5.62 21.36
N VAL C 184 32.25 6.83 21.86
CA VAL C 184 32.59 8.01 21.06
C VAL C 184 34.09 8.17 20.76
N LEU C 185 34.95 7.57 21.60
CA LEU C 185 36.40 7.61 21.36
C LEU C 185 36.94 6.48 20.45
N GLU C 186 36.15 5.42 20.25
CA GLU C 186 36.57 4.32 19.39
C GLU C 186 37.05 4.82 18.05
N SER C 187 38.26 4.42 17.67
CA SER C 187 38.85 4.87 16.41
C SER C 187 39.24 3.73 15.45
N THR C 188 38.96 2.48 15.82
CA THR C 188 39.29 1.35 14.92
C THR C 188 38.08 0.50 14.52
N ARG C 189 37.19 0.23 15.48
CA ARG C 189 36.05 -0.63 15.18
C ARG C 189 34.93 0.18 14.51
N MET C 190 34.17 -0.48 13.65
CA MET C 190 33.02 0.15 12.99
C MET C 190 31.79 0.12 13.87
N VAL C 191 31.70 -0.91 14.71
CA VAL C 191 30.51 -1.18 15.50
C VAL C 191 30.95 -1.54 16.92
N VAL C 192 30.32 -0.94 17.92
CA VAL C 192 30.55 -1.34 19.31
C VAL C 192 29.24 -1.61 20.04
N ALA C 193 29.37 -2.34 21.14
CA ALA C 193 28.29 -2.60 22.05
C ALA C 193 28.29 -1.47 23.08
N VAL C 194 27.10 -1.05 23.50
CA VAL C 194 26.95 -0.09 24.59
C VAL C 194 26.06 -0.73 25.66
N ASP C 195 26.58 -0.92 26.86
CA ASP C 195 25.80 -1.55 27.93
C ASP C 195 25.30 -0.57 28.97
N ASP C 196 25.54 0.72 28.77
CA ASP C 196 25.30 1.71 29.82
C ASP C 196 24.62 3.02 29.38
N SER C 197 23.79 2.95 28.33
CA SER C 197 23.17 4.16 27.83
C SER C 197 22.44 4.89 28.96
N PRO C 198 22.70 6.22 29.11
CA PRO C 198 21.95 6.97 30.13
C PRO C 198 20.49 7.10 29.75
N LYS C 199 20.20 6.92 28.47
CA LYS C 199 18.82 6.95 27.99
C LYS C 199 18.33 5.52 27.72
N PRO C 200 17.18 5.15 28.32
CA PRO C 200 16.66 3.78 28.15
C PRO C 200 16.27 3.47 26.70
N PRO C 201 16.42 2.20 26.27
CA PRO C 201 16.93 1.08 27.06
C PRO C 201 18.47 1.14 27.19
N PRO C 202 19.04 0.54 28.26
CA PRO C 202 20.47 0.73 28.50
C PRO C 202 21.41 0.04 27.49
N ARG C 203 20.94 -1.03 26.86
CA ARG C 203 21.79 -1.79 25.95
C ARG C 203 21.55 -1.39 24.48
N ARG C 204 22.64 -1.09 23.77
CA ARG C 204 22.56 -0.76 22.35
C ARG C 204 23.75 -1.24 21.56
N ILE C 205 23.51 -1.40 20.25
CA ILE C 205 24.54 -1.69 19.27
C ILE C 205 24.63 -0.42 18.47
N THR C 206 25.84 0.02 18.13
CA THR C 206 26.00 1.32 17.47
C THR C 206 27.18 1.38 16.51
N LEU C 207 26.99 2.09 15.40
CA LEU C 207 28.11 2.46 14.55
C LEU C 207 28.92 3.50 15.31
N THR C 208 30.21 3.56 15.01
CA THR C 208 31.14 4.47 15.68
C THR C 208 31.39 5.69 14.77
N LEU C 209 32.13 6.68 15.28
CA LEU C 209 32.48 7.82 14.43
C LEU C 209 33.23 7.44 13.16
N PRO C 210 34.23 6.53 13.24
CA PRO C 210 34.86 6.14 11.97
C PRO C 210 33.87 5.56 10.96
N ALA C 211 32.88 4.82 11.44
CA ALA C 211 31.87 4.23 10.55
C ALA C 211 31.03 5.35 9.93
N ILE C 212 30.58 6.29 10.76
CA ILE C 212 29.82 7.46 10.32
C ILE C 212 30.62 8.27 9.32
N GLN C 213 31.93 8.43 9.58
CA GLN C 213 32.79 9.29 8.76
C GLN C 213 33.12 8.66 7.43
N ARG C 214 32.79 7.39 7.24
CA ARG C 214 32.94 6.77 5.92
C ARG C 214 31.88 7.25 4.93
N SER C 215 30.75 7.75 5.45
CA SER C 215 29.61 8.11 4.58
C SER C 215 29.91 9.33 3.73
N ARG C 216 29.48 9.30 2.48
CA ARG C 216 29.60 10.46 1.61
C ARG C 216 28.90 11.66 2.26
N GLU C 217 27.72 11.39 2.82
CA GLU C 217 26.90 12.44 3.43
C GLU C 217 26.34 11.99 4.76
N VAL C 218 26.29 12.93 5.70
CA VAL C 218 25.69 12.68 6.99
C VAL C 218 24.63 13.75 7.20
N TRP C 219 23.42 13.33 7.54
CA TRP C 219 22.32 14.26 7.73
C TRP C 219 21.78 14.16 9.13
N LEU C 220 21.75 15.29 9.83
CA LEU C 220 21.20 15.37 11.17
C LEU C 220 19.87 16.09 11.10
N LEU C 221 18.80 15.41 11.51
CA LEU C 221 17.45 16.01 11.54
C LEU C 221 17.08 16.38 12.99
N VAL C 222 17.24 17.66 13.32
CA VAL C 222 17.15 18.09 14.70
C VAL C 222 16.03 19.11 14.89
N SER C 223 15.12 18.82 15.81
CA SER C 223 14.00 19.75 16.08
C SER C 223 13.63 19.76 17.56
N GLY C 224 13.19 20.94 18.06
CA GLY C 224 12.80 21.10 19.47
C GLY C 224 13.72 22.08 20.18
N PRO C 225 13.22 22.77 21.24
CA PRO C 225 14.08 23.78 21.91
C PRO C 225 15.06 23.13 22.88
N GLY C 226 14.75 21.88 23.27
CA GLY C 226 15.62 21.08 24.10
C GLY C 226 16.94 20.72 23.43
N LYS C 227 17.02 20.89 22.11
CA LYS C 227 18.23 20.53 21.35
C LYS C 227 19.09 21.73 20.93
N ALA C 228 18.67 22.95 21.24
CA ALA C 228 19.31 24.15 20.67
C ALA C 228 20.74 24.40 21.14
N ASP C 229 21.02 24.13 22.41
CA ASP C 229 22.36 24.31 22.97
C ASP C 229 23.37 23.32 22.40
N ALA C 230 23.00 22.04 22.35
CA ALA C 230 23.85 21.03 21.76
C ALA C 230 24.10 21.28 20.24
N VAL C 231 23.07 21.70 19.52
CA VAL C 231 23.21 22.14 18.11
C VAL C 231 24.26 23.24 17.97
N ALA C 232 24.10 24.31 18.76
CA ALA C 232 24.99 25.46 18.70
C ALA C 232 26.41 25.07 19.07
N ALA C 233 26.56 24.31 20.15
CA ALA C 233 27.86 23.76 20.53
C ALA C 233 28.49 22.88 19.45
N ALA C 234 27.73 21.96 18.86
CA ALA C 234 28.25 21.07 17.81
C ALA C 234 28.73 21.84 16.57
N ILE C 235 27.81 22.60 15.97
CA ILE C 235 28.12 23.47 14.83
C ILE C 235 29.25 24.45 15.15
N GLY C 236 29.32 24.89 16.41
CA GLY C 236 30.37 25.81 16.88
C GLY C 236 31.76 25.21 17.05
N GLY C 237 31.89 23.90 16.88
CA GLY C 237 33.20 23.25 16.81
C GLY C 237 33.69 22.58 18.08
N ALA C 238 32.77 22.12 18.92
CA ALA C 238 33.13 21.44 20.16
C ALA C 238 33.83 20.10 19.87
N ASP C 239 34.60 19.62 20.86
N ASP C 239 34.62 19.63 20.84
CA ASP C 239 35.14 18.26 20.92
CA ASP C 239 35.17 18.28 20.83
C ASP C 239 34.00 17.23 20.88
C ASP C 239 34.03 17.25 20.87
N PRO C 240 34.09 16.21 20.02
CA PRO C 240 33.11 15.09 20.00
C PRO C 240 32.92 14.37 21.34
N VAL C 241 33.98 14.26 22.13
CA VAL C 241 33.87 13.73 23.49
C VAL C 241 32.85 14.52 24.32
N SER C 242 32.77 15.83 24.13
CA SER C 242 31.77 16.63 24.85
C SER C 242 30.43 16.61 24.14
N VAL C 243 30.44 16.83 22.82
CA VAL C 243 29.22 16.85 22.03
C VAL C 243 29.45 15.94 20.81
N PRO C 244 29.00 14.68 20.90
CA PRO C 244 29.38 13.67 19.91
C PRO C 244 28.95 14.02 18.48
N ALA C 245 27.81 14.67 18.30
CA ALA C 245 27.35 15.15 16.98
C ALA C 245 28.42 15.93 16.21
N ALA C 246 29.33 16.60 16.92
CA ALA C 246 30.45 17.29 16.29
C ALA C 246 31.36 16.34 15.50
N GLY C 247 31.34 15.06 15.83
CA GLY C 247 32.14 14.08 15.09
C GLY C 247 31.37 13.48 13.92
N ALA C 248 30.08 13.77 13.81
CA ALA C 248 29.24 13.16 12.78
C ALA C 248 29.35 13.92 11.45
N VAL C 249 30.39 13.57 10.69
CA VAL C 249 30.89 14.41 9.61
C VAL C 249 31.11 13.56 8.35
N GLY C 250 30.43 13.93 7.26
CA GLY C 250 30.51 13.19 6.01
C GLY C 250 31.74 13.55 5.20
N ARG C 251 32.18 12.59 4.37
CA ARG C 251 33.26 12.79 3.40
C ARG C 251 33.06 13.98 2.46
N GLN C 252 31.87 14.14 1.88
CA GLN C 252 31.62 15.34 1.07
C GLN C 252 30.79 16.37 1.76
N ASN C 253 29.80 15.94 2.55
CA ASN C 253 29.06 16.90 3.33
C ASN C 253 28.25 16.43 4.50
N THR C 254 27.99 17.40 5.35
CA THR C 254 27.27 17.22 6.57
C THR C 254 26.13 18.21 6.49
N LEU C 255 24.92 17.67 6.57
CA LEU C 255 23.73 18.48 6.39
C LEU C 255 22.96 18.57 7.71
N TRP C 256 22.90 19.79 8.26
CA TRP C 256 22.10 20.05 9.43
C TRP C 256 20.75 20.56 8.98
N LEU C 257 19.71 19.79 9.25
CA LEU C 257 18.34 20.18 8.95
C LEU C 257 17.62 20.47 10.26
N LEU C 258 17.40 21.75 10.52
CA LEU C 258 16.92 22.24 11.82
C LEU C 258 15.54 22.88 11.71
N ASP C 259 14.78 22.87 12.80
CA ASP C 259 13.65 23.78 12.86
C ASP C 259 14.12 25.01 13.63
N ARG C 260 13.30 26.07 13.63
CA ARG C 260 13.70 27.34 14.26
C ARG C 260 14.03 27.18 15.73
N ASP C 261 13.31 26.28 16.41
CA ASP C 261 13.56 26.07 17.83
C ASP C 261 14.94 25.47 18.06
N ALA C 262 15.29 24.48 17.25
CA ALA C 262 16.60 23.83 17.37
C ALA C 262 17.73 24.74 16.88
N ALA C 263 17.38 25.72 16.05
CA ALA C 263 18.37 26.69 15.53
C ALA C 263 18.51 27.94 16.40
N ALA C 264 17.74 28.02 17.48
CA ALA C 264 17.59 29.25 18.29
C ALA C 264 18.86 29.76 18.98
N LYS C 265 19.78 28.87 19.34
CA LYS C 265 21.02 29.32 20.00
C LYS C 265 22.18 29.60 19.05
N LEU C 266 21.93 29.48 17.75
CA LEU C 266 22.96 29.79 16.77
C LEU C 266 23.22 31.31 16.76
N PRO C 267 24.47 31.72 16.48
CA PRO C 267 24.81 33.14 16.45
C PRO C 267 23.86 33.94 15.56
N SER C 268 23.50 35.14 16.03
CA SER C 268 22.69 36.06 15.26
C SER C 268 23.08 37.50 15.60
N MET D 22 1.99 -49.13 4.92
CA MET D 22 0.81 -48.25 4.70
C MET D 22 -0.15 -48.40 5.88
N SER D 23 -0.27 -47.33 6.65
CA SER D 23 -1.01 -47.38 7.90
C SER D 23 -1.81 -46.11 8.18
N SER D 24 -2.92 -46.27 8.88
CA SER D 24 -3.69 -45.12 9.38
C SER D 24 -4.21 -45.41 10.79
N SER D 25 -4.39 -44.35 11.57
CA SER D 25 -4.81 -44.49 12.94
C SER D 25 -5.91 -43.50 13.28
N ILE D 26 -6.82 -43.95 14.13
CA ILE D 26 -7.80 -43.05 14.69
C ILE D 26 -7.58 -42.96 16.19
N GLU D 27 -7.39 -41.75 16.67
CA GLU D 27 -7.36 -41.49 18.09
C GLU D 27 -8.53 -40.58 18.41
N ILE D 28 -9.24 -40.88 19.50
CA ILE D 28 -10.39 -40.09 19.89
C ILE D 28 -10.18 -39.56 21.30
N PHE D 29 -10.35 -38.25 21.46
CA PHE D 29 -10.10 -37.56 22.71
C PHE D 29 -11.39 -36.94 23.23
N PRO D 30 -11.56 -36.89 24.57
CA PRO D 30 -12.79 -36.30 25.13
C PRO D 30 -12.99 -34.83 24.76
N ASP D 31 -11.89 -34.13 24.50
CA ASP D 31 -11.93 -32.71 24.20
C ASP D 31 -10.71 -32.31 23.37
N SER D 32 -10.69 -31.09 22.87
CA SER D 32 -9.59 -30.68 21.98
C SER D 32 -8.35 -30.15 22.69
N ASP D 33 -8.46 -29.88 24.00
CA ASP D 33 -7.28 -29.55 24.80
C ASP D 33 -6.37 -30.75 24.92
N ILE D 34 -6.94 -31.90 25.32
CA ILE D 34 -6.17 -33.11 25.46
C ILE D 34 -5.74 -33.58 24.06
N LEU D 35 -6.59 -33.34 23.06
CA LEU D 35 -6.25 -33.63 21.68
C LEU D 35 -4.97 -32.90 21.29
N VAL D 36 -4.97 -31.57 21.40
CA VAL D 36 -3.84 -30.74 21.03
C VAL D 36 -2.60 -31.11 21.85
N ALA D 37 -2.78 -31.34 23.16
CA ALA D 37 -1.66 -31.69 24.04
C ALA D 37 -1.00 -32.98 23.60
N ALA D 38 -1.82 -33.99 23.27
CA ALA D 38 -1.31 -35.27 22.79
C ALA D 38 -0.61 -35.14 21.42
N ALA D 39 -1.18 -34.32 20.53
CA ALA D 39 -0.57 -34.04 19.24
C ALA D 39 0.78 -33.34 19.46
N GLY D 40 0.80 -32.39 20.39
CA GLY D 40 2.01 -31.66 20.75
C GLY D 40 3.17 -32.55 21.17
N LYS D 41 2.92 -33.43 22.14
CA LYS D 41 3.93 -34.39 22.61
C LYS D 41 4.37 -35.35 21.51
N ARG D 42 3.42 -35.76 20.68
CA ARG D 42 3.75 -36.63 19.56
C ARG D 42 4.66 -35.90 18.56
N LEU D 43 4.35 -34.62 18.30
CA LEU D 43 5.07 -33.84 17.30
C LEU D 43 6.48 -33.53 17.77
N VAL D 44 6.64 -33.17 19.05
CA VAL D 44 7.97 -32.97 19.64
C VAL D 44 8.77 -34.25 19.41
N GLY D 45 8.16 -35.39 19.71
CA GLY D 45 8.75 -36.70 19.48
C GLY D 45 9.10 -36.98 18.03
N ALA D 46 8.17 -36.69 17.12
CA ALA D 46 8.40 -36.89 15.70
C ALA D 46 9.58 -36.06 15.17
N ILE D 47 9.68 -34.82 15.65
CA ILE D 47 10.78 -33.92 15.24
C ILE D 47 12.13 -34.51 15.68
N GLY D 48 12.22 -34.90 16.96
CA GLY D 48 13.43 -35.54 17.50
C GLY D 48 13.79 -36.80 16.74
N ALA D 49 12.78 -37.59 16.40
CA ALA D 49 12.97 -38.83 15.66
C ALA D 49 13.55 -38.56 14.28
N ALA D 50 12.96 -37.58 13.59
CA ALA D 50 13.39 -37.24 12.23
C ALA D 50 14.81 -36.70 12.22
N VAL D 51 15.11 -35.78 13.14
CA VAL D 51 16.47 -35.23 13.28
C VAL D 51 17.47 -36.37 13.58
N ALA D 52 17.15 -37.23 14.55
CA ALA D 52 18.03 -38.36 14.90
C ALA D 52 18.33 -39.24 13.68
N ALA D 53 17.30 -39.58 12.90
CA ALA D 53 17.47 -40.44 11.72
C ALA D 53 18.13 -39.79 10.51
N ARG D 54 17.77 -38.53 10.21
CA ARG D 54 18.16 -37.91 8.95
C ARG D 54 18.83 -36.55 9.09
N GLY D 55 18.91 -36.07 10.33
CA GLY D 55 19.60 -34.82 10.63
C GLY D 55 18.79 -33.58 10.32
N GLN D 56 17.51 -33.75 10.02
CA GLN D 56 16.60 -32.63 9.78
C GLN D 56 15.16 -33.06 9.98
N ALA D 57 14.31 -32.12 10.38
CA ALA D 57 12.86 -32.36 10.46
C ALA D 57 12.17 -31.38 9.52
N LEU D 58 11.36 -31.93 8.62
CA LEU D 58 10.64 -31.15 7.60
C LEU D 58 9.15 -31.19 7.93
N ILE D 59 8.63 -30.07 8.43
CA ILE D 59 7.29 -30.04 8.98
C ILE D 59 6.44 -29.03 8.19
N VAL D 60 5.30 -29.51 7.71
CA VAL D 60 4.35 -28.63 7.04
C VAL D 60 3.30 -28.16 8.04
N LEU D 61 3.17 -26.84 8.19
CA LEU D 61 2.22 -26.27 9.14
C LEU D 61 0.87 -25.94 8.51
N THR D 62 -0.10 -25.68 9.38
CA THR D 62 -1.47 -25.40 8.96
C THR D 62 -2.04 -24.27 9.81
N GLY D 63 -3.21 -23.78 9.41
CA GLY D 63 -3.94 -22.77 10.20
C GLY D 63 -5.12 -23.45 10.89
N GLY D 64 -6.11 -22.66 11.31
CA GLY D 64 -7.22 -23.23 12.06
C GLY D 64 -6.90 -23.32 13.53
N GLY D 65 -7.93 -23.45 14.35
CA GLY D 65 -7.83 -23.42 15.82
C GLY D 65 -6.87 -24.43 16.42
N ASN D 66 -7.01 -25.70 16.03
CA ASN D 66 -6.15 -26.78 16.51
C ASN D 66 -4.72 -26.63 16.03
N GLY D 67 -4.55 -26.32 14.74
CA GLY D 67 -3.20 -26.17 14.16
C GLY D 67 -2.37 -25.09 14.83
N ILE D 68 -2.99 -23.94 15.10
CA ILE D 68 -2.33 -22.85 15.81
C ILE D 68 -2.12 -23.14 17.30
N ALA D 69 -3.11 -23.78 17.93
CA ALA D 69 -2.95 -24.27 19.31
C ALA D 69 -1.75 -25.20 19.41
N LEU D 70 -1.52 -26.00 18.39
CA LEU D 70 -0.43 -26.94 18.40
C LEU D 70 0.92 -26.21 18.40
N LEU D 71 0.98 -25.10 17.65
CA LEU D 71 2.17 -24.26 17.60
C LEU D 71 2.48 -23.63 18.93
N ARG D 72 1.44 -23.22 19.66
CA ARG D 72 1.61 -22.69 21.01
C ARG D 72 2.22 -23.74 21.94
N TYR D 73 1.84 -25.00 21.76
CA TYR D 73 2.39 -26.08 22.57
C TYR D 73 3.88 -26.24 22.30
N LEU D 74 4.26 -26.28 21.02
CA LEU D 74 5.66 -26.35 20.62
C LEU D 74 6.46 -25.23 21.27
N SER D 75 5.87 -24.03 21.31
CA SER D 75 6.54 -22.90 21.94
C SER D 75 6.80 -23.13 23.43
N ALA D 76 5.78 -23.62 24.14
CA ALA D 76 5.95 -23.93 25.56
C ALA D 76 7.02 -25.00 25.76
N GLN D 77 7.24 -25.82 24.73
CA GLN D 77 8.16 -26.95 24.83
C GLN D 77 9.41 -26.72 23.99
N ALA D 78 9.73 -25.44 23.77
CA ALA D 78 10.80 -25.02 22.87
C ALA D 78 12.13 -25.74 23.14
N GLN D 79 12.45 -25.91 24.42
CA GLN D 79 13.70 -26.59 24.83
C GLN D 79 13.78 -28.04 24.41
N GLN D 80 12.64 -28.63 24.05
CA GLN D 80 12.60 -30.03 23.61
C GLN D 80 13.02 -30.21 22.14
N ILE D 81 13.17 -29.12 21.42
CA ILE D 81 13.34 -29.18 19.96
C ILE D 81 14.67 -28.55 19.53
N GLU D 82 15.40 -29.26 18.67
CA GLU D 82 16.62 -28.71 18.09
C GLU D 82 16.28 -27.82 16.87
N TRP D 83 15.87 -26.59 17.15
CA TRP D 83 15.34 -25.66 16.15
C TRP D 83 16.25 -25.43 14.95
N SER D 84 17.56 -25.50 15.15
CA SER D 84 18.51 -25.30 14.07
C SER D 84 18.38 -26.37 12.98
N LYS D 85 17.72 -27.48 13.29
CA LYS D 85 17.57 -28.56 12.31
C LYS D 85 16.12 -28.67 11.79
N VAL D 86 15.29 -27.69 12.14
CA VAL D 86 13.87 -27.71 11.78
C VAL D 86 13.59 -26.86 10.52
N HIS D 87 12.83 -27.42 9.58
CA HIS D 87 12.41 -26.74 8.36
C HIS D 87 10.88 -26.66 8.25
N LEU D 88 10.37 -25.45 8.05
CA LEU D 88 8.92 -25.23 8.11
C LEU D 88 8.36 -24.83 6.77
N PHE D 89 7.22 -25.42 6.45
CA PHE D 89 6.53 -25.16 5.21
C PHE D 89 5.06 -24.99 5.58
N TRP D 90 4.27 -24.46 4.65
CA TRP D 90 2.84 -24.26 4.88
C TRP D 90 2.00 -25.08 3.90
N GLY D 91 0.89 -25.64 4.42
CA GLY D 91 0.00 -26.46 3.62
C GLY D 91 -0.85 -25.61 2.70
N ASP D 92 -1.22 -24.42 3.20
CA ASP D 92 -1.96 -23.43 2.46
C ASP D 92 -1.84 -22.09 3.18
N GLU D 93 -2.23 -21.03 2.49
CA GLU D 93 -2.12 -19.68 3.03
C GLU D 93 -3.19 -18.80 2.41
N ARG D 94 -3.67 -17.82 3.16
CA ARG D 94 -4.60 -16.83 2.64
C ARG D 94 -3.84 -15.77 1.85
N TYR D 95 -4.24 -15.57 0.60
CA TYR D 95 -3.63 -14.53 -0.22
C TYR D 95 -4.27 -13.21 0.14
N VAL D 96 -3.68 -12.57 1.15
CA VAL D 96 -4.16 -11.32 1.75
C VAL D 96 -2.93 -10.51 2.19
N PRO D 97 -3.11 -9.24 2.63
CA PRO D 97 -1.94 -8.47 3.08
C PRO D 97 -1.16 -9.19 4.17
N GLU D 98 0.15 -8.95 4.22
CA GLU D 98 1.06 -9.63 5.16
C GLU D 98 0.67 -9.48 6.63
N ASP D 99 0.13 -8.31 7.01
CA ASP D 99 -0.21 -8.04 8.41
C ASP D 99 -1.65 -8.41 8.79
N ASP D 100 -2.40 -8.92 7.84
CA ASP D 100 -3.76 -9.33 8.09
C ASP D 100 -3.76 -10.51 9.06
N ASP D 101 -4.72 -10.52 9.99
CA ASP D 101 -4.83 -11.58 11.01
C ASP D 101 -5.28 -12.91 10.39
N GLU D 102 -5.83 -12.83 9.17
CA GLU D 102 -6.18 -14.02 8.39
C GLU D 102 -4.95 -14.80 7.90
N ARG D 103 -3.75 -14.25 8.06
CA ARG D 103 -2.54 -14.92 7.58
C ARG D 103 -2.21 -16.12 8.46
N ASN D 104 -1.93 -17.25 7.82
CA ASN D 104 -1.42 -18.42 8.55
C ASN D 104 -0.04 -18.13 9.13
N LEU D 105 0.77 -17.41 8.35
CA LEU D 105 2.12 -17.05 8.77
C LEU D 105 2.13 -16.14 10.01
N LYS D 106 1.31 -15.10 9.99
CA LYS D 106 1.23 -14.17 11.12
C LYS D 106 0.77 -14.89 12.38
N GLN D 107 -0.24 -15.75 12.27
CA GLN D 107 -0.65 -16.54 13.43
C GLN D 107 0.49 -17.45 13.91
N ALA D 108 1.20 -18.11 12.99
CA ALA D 108 2.39 -18.91 13.33
C ALA D 108 3.47 -18.10 14.03
N ARG D 109 3.72 -16.88 13.54
CA ARG D 109 4.69 -15.97 14.16
C ARG D 109 4.31 -15.69 15.62
N ARG D 110 3.04 -15.36 15.88
CA ARG D 110 2.62 -15.00 17.22
C ARG D 110 2.63 -16.21 18.17
N ALA D 111 2.18 -17.36 17.66
CA ALA D 111 2.11 -18.59 18.43
C ALA D 111 3.48 -19.15 18.78
N LEU D 112 4.41 -19.09 17.84
CA LEU D 112 5.66 -19.84 17.93
C LEU D 112 6.90 -19.17 17.33
N LEU D 113 6.82 -18.74 16.07
CA LEU D 113 8.02 -18.40 15.31
C LEU D 113 8.82 -17.25 15.89
N ASN D 114 8.14 -16.23 16.39
CA ASN D 114 8.78 -15.11 17.06
C ASN D 114 9.53 -15.53 18.34
N HIS D 115 9.20 -16.71 18.90
CA HIS D 115 9.66 -17.10 20.24
C HIS D 115 10.75 -18.15 20.25
N VAL D 116 11.10 -18.68 19.08
CA VAL D 116 12.12 -19.73 18.99
C VAL D 116 13.24 -19.38 18.06
N ASP D 117 14.32 -20.13 18.19
CA ASP D 117 15.56 -19.80 17.51
C ASP D 117 15.73 -20.58 16.22
N ILE D 118 14.66 -20.64 15.43
CA ILE D 118 14.68 -21.27 14.11
C ILE D 118 15.29 -20.32 13.08
N PRO D 119 16.24 -20.81 12.26
CA PRO D 119 16.82 -19.90 11.28
C PRO D 119 15.84 -19.55 10.17
N SER D 120 15.84 -18.28 9.77
CA SER D 120 14.87 -17.74 8.83
C SER D 120 14.91 -18.41 7.46
N ASN D 121 16.09 -18.83 7.02
CA ASN D 121 16.28 -19.48 5.70
C ASN D 121 15.78 -20.93 5.71
N GLN D 122 15.29 -21.37 6.86
CA GLN D 122 14.74 -22.71 6.99
C GLN D 122 13.22 -22.65 7.20
N VAL D 123 12.69 -21.45 7.26
CA VAL D 123 11.24 -21.20 7.36
C VAL D 123 10.74 -20.72 6.00
N HIS D 124 9.76 -21.43 5.44
CA HIS D 124 9.35 -21.17 4.06
C HIS D 124 7.88 -20.79 3.93
N PRO D 125 7.56 -19.49 4.16
CA PRO D 125 6.18 -19.00 4.09
C PRO D 125 5.67 -18.85 2.64
N MET D 126 4.36 -18.95 2.47
CA MET D 126 3.76 -18.64 1.17
C MET D 126 3.60 -17.13 1.05
N ALA D 127 3.56 -16.62 -0.18
CA ALA D 127 3.52 -15.17 -0.43
C ALA D 127 2.23 -14.48 0.05
N ALA D 128 2.34 -13.18 0.36
CA ALA D 128 1.17 -12.35 0.73
C ALA D 128 0.67 -11.56 -0.49
N SER D 129 -0.57 -11.07 -0.43
CA SER D 129 -1.15 -10.36 -1.58
C SER D 129 -0.47 -9.01 -1.84
N ASP D 130 0.26 -8.51 -0.85
CA ASP D 130 0.82 -7.18 -0.96
C ASP D 130 2.36 -7.18 -0.99
N GLY D 131 2.94 -8.32 -1.41
CA GLY D 131 4.40 -8.48 -1.50
C GLY D 131 4.95 -8.51 -2.91
N ASP D 132 5.98 -9.32 -3.14
CA ASP D 132 6.75 -9.29 -4.40
C ASP D 132 6.00 -9.75 -5.64
N PHE D 133 4.80 -10.32 -5.45
CA PHE D 133 4.03 -10.84 -6.57
C PHE D 133 2.83 -9.97 -6.89
N GLY D 134 2.61 -8.94 -6.06
CA GLY D 134 1.43 -8.09 -6.19
C GLY D 134 0.19 -8.95 -6.21
N GLY D 135 -0.75 -8.66 -7.11
CA GLY D 135 -1.97 -9.43 -7.22
C GLY D 135 -1.79 -10.69 -8.05
N ASP D 136 -0.56 -11.00 -8.42
CA ASP D 136 -0.33 -12.17 -9.30
C ASP D 136 -0.26 -13.47 -8.48
N LEU D 137 -1.45 -13.92 -8.08
CA LEU D 137 -1.65 -15.14 -7.29
C LEU D 137 -1.04 -16.38 -7.94
N ASP D 138 -1.25 -16.56 -9.24
CA ASP D 138 -0.71 -17.70 -9.97
C ASP D 138 0.82 -17.75 -9.97
N ALA D 139 1.46 -16.61 -10.19
CA ALA D 139 2.93 -16.51 -10.11
C ALA D 139 3.47 -16.79 -8.70
N ALA D 140 2.74 -16.33 -7.68
CA ALA D 140 3.06 -16.63 -6.29
C ALA D 140 2.98 -18.12 -5.98
N ALA D 141 1.97 -18.81 -6.52
CA ALA D 141 1.86 -20.25 -6.34
C ALA D 141 3.03 -20.95 -7.03
N LEU D 142 3.38 -20.50 -8.24
N LEU D 142 3.37 -20.49 -8.24
CA LEU D 142 4.49 -21.08 -9.00
CA LEU D 142 4.49 -21.02 -9.03
C LEU D 142 5.84 -20.84 -8.32
C LEU D 142 5.80 -20.85 -8.29
N ALA D 143 5.96 -19.70 -7.64
CA ALA D 143 7.16 -19.42 -6.84
C ALA D 143 7.31 -20.41 -5.67
N TYR D 144 6.19 -20.75 -5.01
CA TYR D 144 6.24 -21.72 -3.90
C TYR D 144 6.56 -23.11 -4.40
N GLU D 145 6.03 -23.51 -5.56
CA GLU D 145 6.45 -24.77 -6.19
C GLU D 145 7.98 -24.79 -6.30
N GLN D 146 8.57 -23.69 -6.77
CA GLN D 146 10.03 -23.57 -6.87
C GLN D 146 10.75 -23.58 -5.51
N VAL D 147 10.18 -22.94 -4.49
CA VAL D 147 10.74 -23.01 -3.14
C VAL D 147 10.77 -24.48 -2.68
N LEU D 148 9.69 -25.21 -2.95
CA LEU D 148 9.62 -26.65 -2.61
C LEU D 148 10.64 -27.51 -3.35
N ALA D 149 10.76 -27.31 -4.66
CA ALA D 149 11.79 -27.98 -5.48
C ALA D 149 13.22 -27.69 -4.99
N ALA D 150 13.49 -26.46 -4.58
CA ALA D 150 14.80 -26.09 -4.04
C ALA D 150 15.13 -26.69 -2.66
N SER D 151 14.09 -26.99 -1.88
CA SER D 151 14.28 -27.61 -0.57
C SER D 151 14.33 -29.14 -0.70
N ALA D 152 13.97 -29.63 -1.87
CA ALA D 152 13.81 -31.06 -2.12
C ALA D 152 15.14 -31.76 -2.37
N ALA D 153 15.23 -33.00 -1.91
CA ALA D 153 16.30 -33.90 -2.30
C ALA D 153 16.41 -33.77 -3.82
N PRO D 154 17.65 -33.77 -4.36
CA PRO D 154 17.81 -33.50 -5.79
C PRO D 154 16.85 -34.34 -6.64
N GLY D 155 16.21 -33.71 -7.63
CA GLY D 155 15.24 -34.38 -8.48
C GLY D 155 13.79 -34.13 -8.10
N ASP D 156 13.44 -34.46 -6.86
CA ASP D 156 12.08 -34.36 -6.34
C ASP D 156 11.38 -33.00 -6.62
N PRO D 157 10.05 -33.04 -6.81
CA PRO D 157 9.33 -31.79 -7.01
C PRO D 157 9.10 -31.08 -5.66
N ALA D 158 9.27 -31.83 -4.56
CA ALA D 158 9.04 -31.32 -3.22
C ALA D 158 9.80 -32.20 -2.22
N PRO D 159 10.07 -31.67 -1.01
CA PRO D 159 10.68 -32.53 0.03
C PRO D 159 9.76 -33.69 0.41
N ASN D 160 10.34 -34.76 0.94
CA ASN D 160 9.54 -35.78 1.60
C ASN D 160 9.36 -35.36 3.04
N PHE D 161 8.25 -34.66 3.26
CA PHE D 161 7.99 -34.02 4.53
C PHE D 161 7.91 -35.10 5.58
N ASP D 162 8.36 -34.80 6.77
CA ASP D 162 8.21 -35.74 7.87
C ASP D 162 6.79 -35.79 8.40
N VAL D 163 6.22 -34.61 8.67
CA VAL D 163 4.84 -34.51 9.12
C VAL D 163 4.14 -33.37 8.38
N HIS D 164 2.97 -33.65 7.82
CA HIS D 164 2.11 -32.60 7.29
C HIS D 164 0.89 -32.49 8.20
N LEU D 165 0.80 -31.36 8.90
CA LEU D 165 -0.35 -31.05 9.73
C LEU D 165 -1.51 -30.52 8.87
N LEU D 166 -2.73 -30.96 9.20
CA LEU D 166 -3.95 -30.50 8.54
C LEU D 166 -5.06 -30.23 9.54
N GLY D 167 -5.95 -29.33 9.14
CA GLY D 167 -7.28 -29.22 9.72
C GLY D 167 -8.23 -29.71 8.64
N MET D 168 -9.50 -29.83 8.97
CA MET D 168 -10.50 -30.23 8.00
C MET D 168 -11.78 -29.43 8.20
N GLY D 169 -12.33 -28.95 7.08
CA GLY D 169 -13.56 -28.18 7.11
C GLY D 169 -14.78 -29.08 7.12
N PRO D 170 -15.98 -28.49 7.36
CA PRO D 170 -17.17 -29.32 7.59
C PRO D 170 -17.62 -30.07 6.35
N GLU D 171 -17.11 -29.68 5.19
CA GLU D 171 -17.36 -30.38 3.94
C GLU D 171 -16.13 -31.22 3.50
N GLY D 172 -15.15 -31.35 4.39
CA GLY D 172 -14.01 -32.24 4.14
C GLY D 172 -12.79 -31.64 3.45
N HIS D 173 -12.79 -30.32 3.26
CA HIS D 173 -11.64 -29.67 2.62
C HIS D 173 -10.46 -29.66 3.56
N ILE D 174 -9.27 -29.87 2.99
CA ILE D 174 -8.01 -29.69 3.70
C ILE D 174 -7.13 -28.73 2.90
N ASN D 175 -6.14 -28.11 3.55
CA ASN D 175 -5.43 -26.99 2.95
C ASN D 175 -6.48 -26.07 2.32
N SER D 176 -6.35 -25.75 1.03
CA SER D 176 -7.44 -25.10 0.31
C SER D 176 -7.91 -25.94 -0.89
N LEU D 177 -7.96 -27.25 -0.70
CA LEU D 177 -8.47 -28.19 -1.68
C LEU D 177 -9.93 -28.46 -1.38
N PHE D 178 -10.83 -27.82 -2.14
CA PHE D 178 -12.28 -27.94 -1.92
C PHE D 178 -12.92 -29.04 -2.78
N PRO D 179 -14.11 -29.53 -2.38
CA PRO D 179 -14.76 -30.60 -3.16
C PRO D 179 -15.03 -30.20 -4.61
N HIS D 180 -14.87 -31.14 -5.53
CA HIS D 180 -15.16 -30.94 -6.97
C HIS D 180 -14.37 -29.79 -7.60
N SER D 181 -13.18 -29.53 -7.09
CA SER D 181 -12.41 -28.37 -7.56
C SER D 181 -11.31 -28.83 -8.49
N PRO D 182 -10.90 -27.95 -9.41
CA PRO D 182 -9.68 -28.28 -10.16
C PRO D 182 -8.47 -28.50 -9.26
N ALA D 183 -8.44 -27.86 -8.08
CA ALA D 183 -7.30 -27.99 -7.15
C ALA D 183 -7.17 -29.39 -6.59
N VAL D 184 -8.28 -30.01 -6.21
CA VAL D 184 -8.24 -31.36 -5.64
C VAL D 184 -7.97 -32.42 -6.73
N LEU D 185 -8.20 -32.07 -7.99
CA LEU D 185 -7.93 -32.97 -9.11
C LEU D 185 -6.52 -32.78 -9.65
N GLU D 186 -5.79 -31.78 -9.15
CA GLU D 186 -4.43 -31.57 -9.62
C GLU D 186 -3.59 -32.82 -9.37
N SER D 187 -2.89 -33.30 -10.40
CA SER D 187 -2.11 -34.52 -10.26
C SER D 187 -0.61 -34.33 -10.45
N THR D 188 -0.19 -33.18 -10.97
CA THR D 188 1.23 -32.98 -11.24
C THR D 188 1.86 -31.87 -10.39
N ARG D 189 1.21 -30.71 -10.30
CA ARG D 189 1.74 -29.59 -9.53
C ARG D 189 1.70 -29.91 -8.02
N MET D 190 2.70 -29.38 -7.30
CA MET D 190 2.78 -29.48 -5.83
C MET D 190 1.98 -28.35 -5.15
N VAL D 191 1.76 -27.29 -5.92
CA VAL D 191 1.21 -26.05 -5.40
C VAL D 191 0.36 -25.44 -6.50
N VAL D 192 -0.85 -25.02 -6.14
CA VAL D 192 -1.71 -24.28 -7.05
C VAL D 192 -2.36 -23.11 -6.31
N ALA D 193 -2.83 -22.14 -7.09
CA ALA D 193 -3.58 -21.03 -6.57
C ALA D 193 -5.06 -21.36 -6.64
N VAL D 194 -5.80 -20.83 -5.68
CA VAL D 194 -7.25 -20.97 -5.59
C VAL D 194 -7.80 -19.53 -5.54
N ASP D 195 -8.71 -19.20 -6.44
CA ASP D 195 -9.22 -17.84 -6.49
C ASP D 195 -10.72 -17.76 -6.19
N ASP D 196 -11.33 -18.91 -5.91
CA ASP D 196 -12.78 -19.01 -5.76
C ASP D 196 -13.14 -19.85 -4.53
N SER D 197 -12.40 -19.68 -3.45
CA SER D 197 -12.71 -20.41 -2.25
C SER D 197 -14.13 -20.07 -1.80
N PRO D 198 -14.97 -21.10 -1.55
CA PRO D 198 -16.33 -20.80 -1.08
C PRO D 198 -16.32 -20.25 0.34
N LYS D 199 -15.20 -20.46 1.04
CA LYS D 199 -15.01 -19.86 2.36
C LYS D 199 -14.05 -18.68 2.20
N PRO D 200 -14.38 -17.53 2.78
CA PRO D 200 -13.53 -16.34 2.70
C PRO D 200 -12.25 -16.47 3.55
N PRO D 201 -11.13 -15.84 3.14
CA PRO D 201 -10.98 -15.04 1.92
C PRO D 201 -10.97 -15.87 0.62
N PRO D 202 -11.44 -15.27 -0.49
CA PRO D 202 -11.56 -16.05 -1.72
C PRO D 202 -10.24 -16.60 -2.28
N ARG D 203 -9.12 -15.91 -2.03
CA ARG D 203 -7.86 -16.25 -2.69
C ARG D 203 -6.90 -16.94 -1.74
N ARG D 204 -6.47 -18.16 -2.13
CA ARG D 204 -5.47 -18.91 -1.37
C ARG D 204 -4.39 -19.53 -2.27
N ILE D 205 -3.23 -19.82 -1.67
CA ILE D 205 -2.23 -20.68 -2.26
C ILE D 205 -2.26 -21.98 -1.49
N THR D 206 -2.16 -23.12 -2.16
CA THR D 206 -2.33 -24.41 -1.48
C THR D 206 -1.43 -25.53 -2.00
N LEU D 207 -0.93 -26.36 -1.09
CA LEU D 207 -0.35 -27.64 -1.50
C LEU D 207 -1.47 -28.54 -2.01
N THR D 208 -1.09 -29.44 -2.91
CA THR D 208 -2.02 -30.34 -3.58
C THR D 208 -1.95 -31.71 -2.94
N LEU D 209 -2.87 -32.58 -3.35
CA LEU D 209 -2.84 -33.96 -2.91
C LEU D 209 -1.52 -34.64 -3.20
N PRO D 210 -0.94 -34.45 -4.40
CA PRO D 210 0.38 -35.06 -4.58
C PRO D 210 1.44 -34.55 -3.61
N ALA D 211 1.39 -33.27 -3.24
CA ALA D 211 2.33 -32.71 -2.27
C ALA D 211 2.08 -33.29 -0.86
N ILE D 212 0.82 -33.40 -0.47
CA ILE D 212 0.47 -34.01 0.82
C ILE D 212 0.96 -35.47 0.88
N GLN D 213 0.78 -36.19 -0.23
CA GLN D 213 1.06 -37.61 -0.26
C GLN D 213 2.56 -37.92 -0.29
N ARG D 214 3.39 -36.88 -0.43
CA ARG D 214 4.83 -37.11 -0.31
C ARG D 214 5.27 -37.23 1.14
N SER D 215 4.41 -36.80 2.08
CA SER D 215 4.78 -36.79 3.52
C SER D 215 4.84 -38.19 4.10
N ARG D 216 5.80 -38.45 4.97
CA ARG D 216 5.83 -39.73 5.68
C ARG D 216 4.55 -39.85 6.48
N GLU D 217 4.20 -38.79 7.20
CA GLU D 217 3.02 -38.75 8.04
C GLU D 217 2.14 -37.56 7.71
N VAL D 218 0.83 -37.81 7.68
CA VAL D 218 -0.17 -36.75 7.56
C VAL D 218 -1.06 -36.86 8.79
N TRP D 219 -1.21 -35.74 9.50
CA TRP D 219 -2.00 -35.72 10.73
C TRP D 219 -3.14 -34.74 10.57
N LEU D 220 -4.37 -35.21 10.81
CA LEU D 220 -5.54 -34.34 10.76
C LEU D 220 -6.11 -34.12 12.16
N LEU D 221 -6.15 -32.86 12.58
CA LEU D 221 -6.61 -32.48 13.93
C LEU D 221 -8.02 -31.91 13.82
N VAL D 222 -9.01 -32.71 14.17
CA VAL D 222 -10.39 -32.38 13.82
C VAL D 222 -11.30 -32.44 15.03
N SER D 223 -12.00 -31.35 15.29
CA SER D 223 -12.97 -31.33 16.39
C SER D 223 -14.24 -30.56 16.05
N GLY D 224 -15.35 -30.96 16.67
CA GLY D 224 -16.61 -30.23 16.57
C GLY D 224 -17.72 -30.99 15.85
N PRO D 225 -18.98 -30.83 16.30
CA PRO D 225 -20.08 -31.59 15.66
C PRO D 225 -20.27 -31.23 14.17
N GLY D 226 -19.95 -30.00 13.81
CA GLY D 226 -19.96 -29.58 12.40
C GLY D 226 -19.09 -30.42 11.46
N LYS D 227 -18.05 -31.07 11.97
CA LYS D 227 -17.14 -31.84 11.08
C LYS D 227 -17.43 -33.34 11.03
N ALA D 228 -18.36 -33.82 11.85
CA ALA D 228 -18.56 -35.28 12.04
C ALA D 228 -18.98 -36.07 10.79
N ASP D 229 -19.92 -35.55 10.00
CA ASP D 229 -20.31 -36.16 8.73
C ASP D 229 -19.11 -36.33 7.78
N ALA D 230 -18.32 -35.28 7.60
CA ALA D 230 -17.16 -35.33 6.72
C ALA D 230 -16.09 -36.31 7.23
N VAL D 231 -15.89 -36.37 8.54
CA VAL D 231 -14.94 -37.32 9.16
C VAL D 231 -15.37 -38.76 8.84
N ALA D 232 -16.64 -39.09 9.13
CA ALA D 232 -17.15 -40.43 8.87
C ALA D 232 -17.10 -40.74 7.38
N ALA D 233 -17.41 -39.75 6.55
CA ALA D 233 -17.36 -39.97 5.09
C ALA D 233 -15.93 -40.22 4.63
N ALA D 234 -14.98 -39.43 5.13
CA ALA D 234 -13.57 -39.59 4.76
C ALA D 234 -13.02 -40.94 5.22
N ILE D 235 -13.26 -41.27 6.49
CA ILE D 235 -12.73 -42.52 7.06
C ILE D 235 -13.42 -43.76 6.45
N GLY D 236 -14.67 -43.57 6.01
CA GLY D 236 -15.44 -44.64 5.38
C GLY D 236 -15.22 -44.84 3.88
N GLY D 237 -14.09 -44.36 3.36
CA GLY D 237 -13.67 -44.62 1.98
C GLY D 237 -14.13 -43.70 0.85
N ALA D 238 -14.70 -42.54 1.18
CA ALA D 238 -15.19 -41.60 0.15
C ALA D 238 -14.12 -41.21 -0.87
N ASP D 239 -14.56 -40.80 -2.07
CA ASP D 239 -13.63 -40.31 -3.09
C ASP D 239 -13.01 -38.96 -2.68
N PRO D 240 -11.68 -38.78 -2.89
CA PRO D 240 -11.08 -37.50 -2.52
C PRO D 240 -11.71 -36.30 -3.22
N VAL D 241 -12.28 -36.49 -4.41
CA VAL D 241 -12.98 -35.41 -5.13
C VAL D 241 -14.26 -34.95 -4.42
N SER D 242 -14.96 -35.87 -3.75
CA SER D 242 -16.14 -35.46 -2.99
C SER D 242 -15.74 -34.97 -1.61
N VAL D 243 -14.82 -35.68 -0.98
CA VAL D 243 -14.37 -35.33 0.38
C VAL D 243 -12.84 -35.29 0.36
N PRO D 244 -12.26 -34.11 0.09
CA PRO D 244 -10.80 -33.99 -0.10
C PRO D 244 -9.94 -34.68 0.98
N ALA D 245 -10.34 -34.64 2.24
CA ALA D 245 -9.57 -35.31 3.34
C ALA D 245 -9.28 -36.78 3.06
N ALA D 246 -10.17 -37.44 2.32
CA ALA D 246 -9.91 -38.84 1.95
C ALA D 246 -8.60 -39.03 1.19
N GLY D 247 -8.13 -37.99 0.49
CA GLY D 247 -6.85 -38.09 -0.25
C GLY D 247 -5.60 -37.69 0.52
N ALA D 248 -5.79 -37.16 1.72
CA ALA D 248 -4.67 -36.69 2.53
C ALA D 248 -4.05 -37.88 3.27
N VAL D 249 -3.22 -38.64 2.56
CA VAL D 249 -2.67 -39.86 3.13
C VAL D 249 -1.14 -39.84 3.10
N GLY D 250 -0.53 -40.12 4.24
CA GLY D 250 0.93 -40.21 4.31
C GLY D 250 1.45 -41.52 3.74
N ARG D 251 2.70 -41.51 3.30
CA ARG D 251 3.37 -42.67 2.75
C ARG D 251 3.47 -43.76 3.81
N GLN D 252 3.68 -43.37 5.06
CA GLN D 252 3.82 -44.34 6.13
C GLN D 252 2.58 -44.35 7.00
N ASN D 253 2.12 -43.18 7.42
CA ASN D 253 0.86 -43.16 8.12
C ASN D 253 0.02 -41.91 8.04
N THR D 254 -1.24 -42.09 8.42
CA THR D 254 -2.26 -41.08 8.40
C THR D 254 -2.93 -41.14 9.74
N LEU D 255 -2.78 -40.08 10.50
CA LEU D 255 -3.26 -40.03 11.87
C LEU D 255 -4.46 -39.10 11.99
N TRP D 256 -5.60 -39.67 12.33
CA TRP D 256 -6.78 -38.89 12.61
C TRP D 256 -6.81 -38.64 14.11
N LEU D 257 -6.66 -37.38 14.51
CA LEU D 257 -6.81 -37.02 15.92
C LEU D 257 -8.15 -36.28 16.09
N LEU D 258 -9.12 -36.95 16.71
CA LEU D 258 -10.50 -36.48 16.74
C LEU D 258 -10.99 -36.22 18.17
N ASP D 259 -11.77 -35.16 18.38
CA ASP D 259 -12.49 -35.05 19.66
C ASP D 259 -13.78 -35.86 19.59
N ARG D 260 -14.46 -36.03 20.73
CA ARG D 260 -15.69 -36.84 20.78
C ARG D 260 -16.75 -36.44 19.75
N ASP D 261 -16.99 -35.13 19.62
CA ASP D 261 -17.99 -34.63 18.66
C ASP D 261 -17.63 -34.94 17.21
N ALA D 262 -16.35 -34.77 16.85
CA ALA D 262 -15.93 -34.97 15.46
C ALA D 262 -15.96 -36.45 15.09
N ALA D 263 -15.93 -37.30 16.13
CA ALA D 263 -15.97 -38.75 15.95
C ALA D 263 -17.39 -39.37 16.08
N ALA D 264 -18.40 -38.56 16.41
CA ALA D 264 -19.74 -39.07 16.73
C ALA D 264 -20.52 -39.73 15.58
N LYS D 265 -20.11 -39.49 14.34
CA LYS D 265 -20.78 -40.15 13.21
C LYS D 265 -20.06 -41.41 12.74
N LEU D 266 -18.90 -41.69 13.31
CA LEU D 266 -18.20 -42.94 13.05
C LEU D 266 -19.06 -44.10 13.54
N PRO D 267 -19.01 -45.24 12.85
CA PRO D 267 -19.84 -46.36 13.30
C PRO D 267 -19.55 -46.75 14.74
N SER D 268 -20.61 -47.12 15.45
CA SER D 268 -20.52 -47.62 16.83
C SER D 268 -21.67 -48.60 17.09
#